data_3T2Z
#
_entry.id   3T2Z
#
_cell.length_a   131.729
_cell.length_b   131.729
_cell.length_c   208.864
_cell.angle_alpha   90.00
_cell.angle_beta   90.00
_cell.angle_gamma   90.00
#
_symmetry.space_group_name_H-M   'P 42 21 2'
#
loop_
_entity.id
_entity.type
_entity.pdbx_description
1 polymer 'Sulfide-quinone reductase, putative'
2 non-polymer 'FLAVIN-ADENINE DINUCLEOTIDE'
3 non-polymer 1,3-BUTANEDIOL
4 non-polymer 'SULFATE ION'
5 non-polymer 'HYDROSULFURIC ACID'
6 non-polymer trisulfane
7 water water
#
_entity_poly.entity_id   1
_entity_poly.type   'polypeptide(L)'
_entity_poly.pdbx_seq_one_letter_code
;MRGSAHVVILGAGTGGMPAAYEMKEALGSGHEVTLISANDYFQFVPSNPWVGVGWKERDDIAFPIRHYVERKGIHFIAQS
AEQIDAEAQNITLADGNTVHYDYLMIATGPKLAFENVPGSDPHEGPVQSICTVDHAERAFAEYQALLREPGPIVIGAMAG
ASCFGPAYEYAMIVASDLKKRGMRDKIPSFTFITSEPYIGHLGIQGVGDSKGILTKGLKEEGIEAYTNCKVTKVEDNKMY
VTQVDEKGETIKEMVLPVKFGMMIPAFKGVPAVAGVEGLCNPGGFVLVDEHQRSKKYANIFAAGIAIAIPPVETTPVPTG
APKTGYMIESMVSAAVHNIKADLEGRKGEQTMGTWNAVCFADMGDRGAAFIALPQLKPRKVDVFAYGRWVHLAKVAFEKY
FIRKMKMGVSEPFYEKVLFKMMGITRLKEEDTHRKAS
;
_entity_poly.pdbx_strand_id   A,B
#
loop_
_chem_comp.id
_chem_comp.type
_chem_comp.name
_chem_comp.formula
BU2 non-polymer 1,3-BUTANEDIOL 'C4 H10 O2'
FAD non-polymer 'FLAVIN-ADENINE DINUCLEOTIDE' 'C27 H33 N9 O15 P2'
H2S non-polymer 'HYDROSULFURIC ACID' 'H2 S'
S3H non-polymer trisulfane 'H2 S3'
SO4 non-polymer 'SULFATE ION' 'O4 S -2'
#
# COMPACT_ATOMS: atom_id res chain seq x y z
N SER A 4 -7.70 -37.20 -22.64
CA SER A 4 -7.46 -35.80 -22.29
C SER A 4 -6.57 -35.64 -21.04
N ALA A 5 -5.68 -34.67 -21.11
CA ALA A 5 -4.60 -34.51 -20.16
C ALA A 5 -4.97 -34.59 -18.67
N HIS A 6 -4.18 -35.37 -17.94
CA HIS A 6 -4.29 -35.48 -16.49
C HIS A 6 -3.28 -34.52 -15.80
N VAL A 7 -3.77 -33.59 -14.98
CA VAL A 7 -2.89 -32.64 -14.27
C VAL A 7 -2.74 -33.00 -12.79
N VAL A 8 -1.50 -33.10 -12.36
CA VAL A 8 -1.21 -33.45 -10.98
C VAL A 8 -0.53 -32.28 -10.26
N ILE A 9 -1.08 -31.91 -9.11
CA ILE A 9 -0.47 -30.90 -8.27
C ILE A 9 0.13 -31.59 -7.04
N LEU A 10 1.42 -31.35 -6.85
CA LEU A 10 2.16 -31.93 -5.73
C LEU A 10 2.33 -30.90 -4.63
N GLY A 11 1.56 -31.06 -3.56
CA GLY A 11 1.65 -30.18 -2.40
C GLY A 11 0.40 -29.34 -2.21
N ALA A 12 -0.27 -29.56 -1.08
CA ALA A 12 -1.48 -28.80 -0.77
C ALA A 12 -1.17 -27.68 0.23
N GLY A 13 -0.34 -26.73 -0.18
CA GLY A 13 0.01 -25.63 0.70
C GLY A 13 -0.55 -24.31 0.21
N THR A 14 0.11 -23.22 0.59
CA THR A 14 -0.29 -21.90 0.16
C THR A 14 -0.38 -21.77 -1.37
N GLY A 15 0.52 -22.43 -2.08
CA GLY A 15 0.48 -22.39 -3.53
C GLY A 15 -0.38 -23.51 -4.13
N GLY A 16 -0.16 -24.73 -3.65
CA GLY A 16 -0.77 -25.92 -4.20
C GLY A 16 -2.28 -26.07 -4.08
N MET A 17 -2.84 -25.74 -2.92
CA MET A 17 -4.29 -25.82 -2.75
C MET A 17 -4.99 -24.90 -3.74
N PRO A 18 -4.64 -23.61 -3.73
CA PRO A 18 -5.28 -22.77 -4.74
C PRO A 18 -5.00 -23.30 -6.14
N ALA A 19 -3.82 -23.87 -6.36
CA ALA A 19 -3.49 -24.33 -7.71
C ALA A 19 -4.44 -25.44 -8.17
N ALA A 20 -4.81 -26.32 -7.25
CA ALA A 20 -5.71 -27.40 -7.59
C ALA A 20 -7.11 -26.88 -7.94
N TYR A 21 -7.62 -25.96 -7.14
CA TYR A 21 -8.91 -25.34 -7.45
C TYR A 21 -8.86 -24.61 -8.78
N GLU A 22 -7.80 -23.83 -8.98
CA GLU A 22 -7.69 -23.07 -10.22
C GLU A 22 -7.54 -23.97 -11.45
N MET A 23 -6.82 -25.07 -11.30
CA MET A 23 -6.57 -25.95 -12.42
C MET A 23 -7.89 -26.63 -12.83
N LYS A 24 -8.64 -27.13 -11.85
CA LYS A 24 -9.88 -27.82 -12.11
C LYS A 24 -10.89 -26.87 -12.74
N GLU A 25 -11.03 -25.68 -12.16
CA GLU A 25 -11.91 -24.67 -12.69
C GLU A 25 -11.58 -24.36 -14.15
N ALA A 26 -10.29 -24.25 -14.46
CA ALA A 26 -9.86 -23.86 -15.80
C ALA A 26 -10.04 -24.96 -16.83
N LEU A 27 -10.12 -26.20 -16.38
CA LEU A 27 -10.03 -27.34 -17.28
C LEU A 27 -11.36 -28.08 -17.44
N GLY A 28 -12.24 -27.92 -16.46
CA GLY A 28 -13.56 -28.51 -16.52
C GLY A 28 -13.57 -29.98 -16.19
N SER A 29 -14.74 -30.59 -16.32
CA SER A 29 -14.97 -31.98 -15.92
C SER A 29 -14.30 -32.99 -16.85
N GLY A 30 -13.94 -32.56 -18.06
CA GLY A 30 -13.25 -33.43 -18.99
C GLY A 30 -11.78 -33.74 -18.71
N HIS A 31 -11.22 -33.14 -17.67
CA HIS A 31 -9.83 -33.42 -17.31
C HIS A 31 -9.70 -33.81 -15.85
N GLU A 32 -8.95 -34.87 -15.60
CA GLU A 32 -8.63 -35.26 -14.22
C GLU A 32 -7.63 -34.26 -13.59
N VAL A 33 -7.95 -33.78 -12.39
CA VAL A 33 -7.01 -33.00 -11.60
C VAL A 33 -6.80 -33.68 -10.26
N THR A 34 -5.55 -34.07 -10.02
CA THR A 34 -5.21 -34.79 -8.80
C THR A 34 -4.35 -33.91 -7.90
N LEU A 35 -4.76 -33.79 -6.65
CA LEU A 35 -3.98 -33.10 -5.63
C LEU A 35 -3.38 -34.12 -4.67
N ILE A 36 -2.05 -34.14 -4.59
CA ILE A 36 -1.31 -35.04 -3.70
C ILE A 36 -0.65 -34.22 -2.60
N SER A 37 -0.85 -34.62 -1.34
CA SER A 37 -0.18 -33.96 -0.24
C SER A 37 0.15 -34.89 0.90
N ALA A 38 1.25 -34.59 1.59
CA ALA A 38 1.76 -35.38 2.70
C ALA A 38 0.83 -35.41 3.90
N ASN A 39 0.09 -34.33 4.11
CA ASN A 39 -0.85 -34.27 5.22
C ASN A 39 -2.26 -34.22 4.69
N ASP A 40 -3.24 -34.60 5.51
CA ASP A 40 -4.63 -34.53 5.06
C ASP A 40 -5.27 -33.20 5.45
N TYR A 41 -4.48 -32.30 6.02
CA TYR A 41 -5.01 -31.00 6.40
C TYR A 41 -4.25 -29.87 5.75
N PHE A 42 -4.92 -28.75 5.53
CA PHE A 42 -4.26 -27.52 5.18
C PHE A 42 -3.94 -26.77 6.47
N GLN A 43 -2.80 -26.09 6.50
CA GLN A 43 -2.50 -25.23 7.65
C GLN A 43 -2.14 -23.84 7.16
N PHE A 44 -2.63 -22.83 7.85
CA PHE A 44 -2.30 -21.46 7.46
C PHE A 44 -0.95 -21.07 8.09
N VAL A 45 0.12 -21.31 7.35
CA VAL A 45 1.49 -21.23 7.85
C VAL A 45 1.84 -19.94 8.63
N PRO A 46 1.44 -18.78 8.12
CA PRO A 46 1.81 -17.53 8.79
C PRO A 46 1.22 -17.37 10.19
N SER A 47 0.31 -18.24 10.59
CA SER A 47 -0.21 -18.18 11.96
C SER A 47 0.61 -19.04 12.92
N ASN A 48 1.57 -19.80 12.39
CA ASN A 48 2.32 -20.72 13.23
C ASN A 48 3.10 -20.05 14.39
N PRO A 49 3.69 -18.87 14.16
CA PRO A 49 4.36 -18.23 15.28
C PRO A 49 3.44 -18.00 16.47
N TRP A 50 2.19 -17.61 16.20
CA TRP A 50 1.22 -17.47 17.28
C TRP A 50 0.85 -18.79 17.96
N VAL A 51 0.82 -19.88 17.20
CA VAL A 51 0.58 -21.17 17.81
C VAL A 51 1.74 -21.47 18.76
N GLY A 52 2.95 -21.10 18.35
CA GLY A 52 4.16 -21.38 19.11
C GLY A 52 4.27 -20.61 20.42
N VAL A 53 3.37 -19.66 20.64
CA VAL A 53 3.38 -18.92 21.90
C VAL A 53 2.04 -19.07 22.63
N GLY A 54 1.18 -19.92 22.10
CA GLY A 54 -0.10 -20.23 22.72
C GLY A 54 -1.21 -19.24 22.44
N TRP A 55 -0.97 -18.30 21.53
CA TRP A 55 -1.99 -17.29 21.20
C TRP A 55 -3.02 -17.83 20.22
N LYS A 56 -2.69 -18.96 19.59
CA LYS A 56 -3.61 -19.64 18.69
C LYS A 56 -3.49 -21.16 18.87
N GLU A 57 -4.55 -21.87 18.50
CA GLU A 57 -4.55 -23.33 18.56
C GLU A 57 -4.54 -23.91 17.15
N ARG A 58 -4.01 -25.12 17.01
CA ARG A 58 -4.02 -25.83 15.73
C ARG A 58 -5.35 -25.75 14.99
N ASP A 59 -6.45 -26.00 15.69
CA ASP A 59 -7.74 -26.06 15.01
C ASP A 59 -8.29 -24.67 14.65
N ASP A 60 -7.53 -23.62 14.95
CA ASP A 60 -7.88 -22.29 14.49
C ASP A 60 -7.32 -22.07 13.09
N ILE A 61 -6.29 -22.84 12.75
CA ILE A 61 -5.51 -22.53 11.56
C ILE A 61 -5.35 -23.70 10.61
N ALA A 62 -5.93 -24.84 10.97
CA ALA A 62 -5.82 -26.03 10.14
C ALA A 62 -7.17 -26.72 9.95
N PHE A 63 -7.36 -27.35 8.79
CA PHE A 63 -8.59 -28.08 8.51
C PHE A 63 -8.37 -29.19 7.47
N PRO A 64 -9.20 -30.25 7.54
CA PRO A 64 -9.12 -31.38 6.60
C PRO A 64 -9.46 -30.93 5.18
N ILE A 65 -8.64 -31.35 4.23
CA ILE A 65 -8.76 -30.94 2.83
C ILE A 65 -9.81 -31.73 2.03
N ARG A 66 -9.86 -33.05 2.22
CA ARG A 66 -10.59 -33.95 1.33
C ARG A 66 -11.97 -33.46 0.89
N HIS A 67 -12.89 -33.30 1.84
CA HIS A 67 -14.24 -32.88 1.47
C HIS A 67 -14.24 -31.63 0.58
N TYR A 68 -13.43 -30.63 0.90
CA TYR A 68 -13.51 -29.36 0.19
C TYR A 68 -13.03 -29.42 -1.25
N VAL A 69 -12.03 -30.24 -1.54
CA VAL A 69 -11.55 -30.29 -2.92
C VAL A 69 -12.36 -31.30 -3.71
N GLU A 70 -12.84 -32.35 -3.03
CA GLU A 70 -13.58 -33.38 -3.74
C GLU A 70 -14.90 -32.83 -4.25
N ARG A 71 -15.54 -31.98 -3.45
CA ARG A 71 -16.79 -31.36 -3.86
C ARG A 71 -16.60 -30.48 -5.09
N LYS A 72 -15.35 -30.31 -5.49
CA LYS A 72 -15.05 -29.51 -6.67
C LYS A 72 -14.55 -30.41 -7.79
N GLY A 73 -14.56 -31.72 -7.52
CA GLY A 73 -14.20 -32.70 -8.53
C GLY A 73 -12.72 -33.01 -8.58
N ILE A 74 -11.99 -32.57 -7.58
CA ILE A 74 -10.55 -32.80 -7.53
C ILE A 74 -10.28 -34.10 -6.79
N HIS A 75 -9.39 -34.92 -7.34
CA HIS A 75 -9.02 -36.16 -6.67
C HIS A 75 -7.90 -35.92 -5.68
N PHE A 76 -8.19 -36.15 -4.41
CA PHE A 76 -7.24 -35.90 -3.35
C PHE A 76 -6.54 -37.17 -2.88
N ILE A 77 -5.23 -37.11 -2.75
CA ILE A 77 -4.48 -38.21 -2.16
C ILE A 77 -3.64 -37.71 -0.98
N ALA A 78 -4.05 -38.07 0.24
CA ALA A 78 -3.33 -37.67 1.43
C ALA A 78 -2.19 -38.65 1.64
N GLN A 79 -1.16 -38.52 0.83
CA GLN A 79 -0.02 -39.40 0.91
C GLN A 79 1.19 -38.62 0.46
N SER A 80 2.34 -38.97 0.99
CA SER A 80 3.57 -38.28 0.63
C SER A 80 4.17 -38.89 -0.63
N ALA A 81 4.63 -38.05 -1.55
CA ALA A 81 5.37 -38.54 -2.71
C ALA A 81 6.79 -38.90 -2.32
N GLU A 82 7.18 -40.15 -2.56
CA GLU A 82 8.53 -40.62 -2.24
C GLU A 82 9.47 -40.52 -3.43
N GLN A 83 8.91 -40.54 -4.63
CA GLN A 83 9.73 -40.53 -5.84
C GLN A 83 9.00 -39.87 -7.00
N ILE A 84 9.75 -39.19 -7.86
CA ILE A 84 9.21 -38.65 -9.09
C ILE A 84 10.07 -39.16 -10.24
N ASP A 85 9.45 -39.95 -11.10
CA ASP A 85 10.10 -40.49 -12.28
C ASP A 85 9.65 -39.63 -13.45
N ALA A 86 10.48 -38.66 -13.83
CA ALA A 86 10.09 -37.66 -14.81
C ALA A 86 9.96 -38.22 -16.23
N GLU A 87 10.72 -39.27 -16.54
CA GLU A 87 10.64 -39.88 -17.86
C GLU A 87 9.32 -40.64 -17.99
N ALA A 88 9.04 -41.52 -17.04
CA ALA A 88 7.79 -42.25 -17.04
C ALA A 88 6.60 -41.38 -16.62
N GLN A 89 6.86 -40.18 -16.09
CA GLN A 89 5.80 -39.28 -15.68
C GLN A 89 4.89 -39.93 -14.64
N ASN A 90 5.49 -40.67 -13.73
CA ASN A 90 4.73 -41.14 -12.58
C ASN A 90 5.35 -40.75 -11.25
N ILE A 91 4.50 -40.67 -10.24
CA ILE A 91 4.89 -40.34 -8.90
C ILE A 91 4.59 -41.52 -8.00
N THR A 92 5.62 -42.00 -7.29
CA THR A 92 5.44 -43.09 -6.33
C THR A 92 5.12 -42.56 -4.93
N LEU A 93 4.02 -43.03 -4.35
CA LEU A 93 3.54 -42.59 -3.06
C LEU A 93 4.00 -43.53 -1.97
N ALA A 94 3.93 -43.07 -0.72
CA ALA A 94 4.45 -43.83 0.41
C ALA A 94 3.88 -45.26 0.53
N ASP A 95 2.62 -45.44 0.14
CA ASP A 95 1.99 -46.75 0.26
C ASP A 95 2.24 -47.65 -0.96
N GLY A 96 3.06 -47.20 -1.89
CA GLY A 96 3.40 -48.03 -3.02
C GLY A 96 2.57 -47.77 -4.27
N ASN A 97 1.47 -47.02 -4.13
CA ASN A 97 0.70 -46.59 -5.28
C ASN A 97 1.48 -45.59 -6.11
N THR A 98 1.12 -45.47 -7.38
CA THR A 98 1.73 -44.47 -8.24
C THR A 98 0.65 -43.65 -8.92
N VAL A 99 0.99 -42.41 -9.25
CA VAL A 99 0.10 -41.53 -9.97
C VAL A 99 0.77 -41.14 -11.27
N HIS A 100 0.02 -41.23 -12.36
CA HIS A 100 0.56 -40.85 -13.66
C HIS A 100 0.11 -39.43 -13.96
N TYR A 101 0.94 -38.65 -14.62
CA TYR A 101 0.52 -37.30 -14.99
C TYR A 101 0.87 -37.02 -16.44
N ASP A 102 0.13 -36.08 -17.02
CA ASP A 102 0.52 -35.49 -18.29
C ASP A 102 1.22 -34.16 -18.02
N TYR A 103 0.73 -33.44 -17.03
CA TYR A 103 1.43 -32.26 -16.52
C TYR A 103 1.52 -32.35 -15.02
N LEU A 104 2.68 -31.97 -14.48
CA LEU A 104 2.91 -31.95 -13.04
C LEU A 104 3.20 -30.52 -12.60
N MET A 105 2.50 -30.08 -11.57
CA MET A 105 2.84 -28.81 -10.95
C MET A 105 3.40 -29.00 -9.53
N ILE A 106 4.69 -28.71 -9.38
CA ILE A 106 5.35 -28.91 -8.10
C ILE A 106 5.11 -27.70 -7.20
N ALA A 107 4.48 -27.95 -6.05
CA ALA A 107 4.24 -26.90 -5.05
C ALA A 107 4.58 -27.45 -3.65
N THR A 108 5.76 -28.04 -3.52
CA THR A 108 6.12 -28.80 -2.33
C THR A 108 6.75 -27.96 -1.20
N GLY A 109 6.86 -26.65 -1.40
CA GLY A 109 7.48 -25.76 -0.43
C GLY A 109 8.85 -26.19 0.05
N PRO A 110 9.17 -25.86 1.32
CA PRO A 110 10.56 -26.01 1.80
C PRO A 110 10.83 -27.30 2.56
N LYS A 111 12.00 -27.86 2.33
CA LYS A 111 12.58 -28.77 3.31
C LYS A 111 13.28 -27.94 4.40
N LEU A 112 12.92 -28.17 5.66
CA LEU A 112 13.55 -27.46 6.78
C LEU A 112 14.89 -28.09 7.07
N ALA A 113 15.96 -27.41 6.69
CA ALA A 113 17.30 -28.02 6.69
C ALA A 113 18.01 -27.93 8.05
N PHE A 114 17.40 -28.53 9.07
CA PHE A 114 18.02 -28.57 10.38
C PHE A 114 19.42 -29.19 10.34
N GLU A 115 19.66 -30.07 9.37
CA GLU A 115 20.92 -30.81 9.33
C GLU A 115 22.12 -29.90 9.07
N ASN A 116 21.87 -28.72 8.52
CA ASN A 116 22.92 -27.71 8.38
C ASN A 116 23.56 -27.35 9.74
N VAL A 117 22.79 -27.52 10.80
CA VAL A 117 23.26 -27.15 12.13
C VAL A 117 22.99 -28.29 13.09
N PRO A 118 23.98 -29.18 13.25
CA PRO A 118 23.89 -30.36 14.11
C PRO A 118 23.34 -30.00 15.49
N GLY A 119 22.35 -30.75 15.95
CA GLY A 119 21.74 -30.48 17.23
C GLY A 119 20.57 -29.49 17.15
N SER A 120 20.38 -28.86 15.98
CA SER A 120 19.39 -27.79 15.88
C SER A 120 17.98 -28.32 15.63
N ASP A 121 17.89 -29.58 15.26
CA ASP A 121 16.59 -30.17 14.97
C ASP A 121 15.73 -30.11 16.24
N PRO A 122 14.46 -29.74 16.10
CA PRO A 122 13.54 -29.57 17.24
C PRO A 122 13.49 -30.78 18.18
N HIS A 123 13.80 -31.97 17.66
CA HIS A 123 13.72 -33.18 18.45
C HIS A 123 15.03 -33.56 19.13
N GLU A 124 16.14 -32.96 18.70
CA GLU A 124 17.40 -33.34 19.29
C GLU A 124 18.04 -32.28 20.20
N GLY A 125 17.29 -31.20 20.47
CA GLY A 125 17.78 -30.13 21.31
C GLY A 125 16.70 -29.19 21.81
N PRO A 126 17.10 -28.08 22.46
CA PRO A 126 16.19 -27.07 23.00
C PRO A 126 15.89 -25.94 21.99
N VAL A 127 16.60 -25.92 20.88
CA VAL A 127 16.26 -24.98 19.82
C VAL A 127 15.08 -25.49 18.98
N GLN A 128 13.94 -24.81 19.10
CA GLN A 128 12.71 -25.23 18.45
C GLN A 128 12.49 -24.49 17.14
N SER A 129 11.28 -24.62 16.57
CA SER A 129 10.96 -24.01 15.29
C SER A 129 9.44 -23.83 15.11
N ILE A 130 9.05 -22.84 14.33
CA ILE A 130 7.65 -22.50 14.20
C ILE A 130 7.16 -22.49 12.76
N CYS A 131 7.87 -23.16 11.86
CA CYS A 131 7.47 -23.15 10.45
C CYS A 131 6.24 -24.02 10.17
N THR A 132 6.10 -25.13 10.90
CA THR A 132 4.91 -25.96 10.79
C THR A 132 4.12 -25.94 12.08
N VAL A 133 2.84 -26.26 12.00
CA VAL A 133 1.99 -26.30 13.17
C VAL A 133 2.45 -27.40 14.15
N ASP A 134 2.90 -28.54 13.62
CA ASP A 134 3.45 -29.57 14.50
C ASP A 134 4.62 -29.04 15.34
N HIS A 135 5.55 -28.36 14.68
CA HIS A 135 6.71 -27.82 15.39
C HIS A 135 6.37 -26.65 16.32
N ALA A 136 5.41 -25.81 15.91
CA ALA A 136 5.00 -24.69 16.73
C ALA A 136 4.33 -25.17 18.02
N GLU A 137 3.56 -26.25 17.93
CA GLU A 137 2.98 -26.86 19.12
C GLU A 137 4.10 -27.37 20.03
N ARG A 138 5.12 -27.96 19.42
CA ARG A 138 6.26 -28.41 20.20
C ARG A 138 6.99 -27.20 20.79
N ALA A 139 7.06 -26.10 20.05
CA ALA A 139 7.70 -24.90 20.59
C ALA A 139 6.92 -24.35 21.79
N PHE A 140 5.60 -24.34 21.69
CA PHE A 140 4.81 -23.88 22.81
C PHE A 140 5.04 -24.76 24.04
N ALA A 141 5.06 -26.07 23.85
CA ALA A 141 5.28 -27.00 24.95
C ALA A 141 6.59 -26.66 25.67
N GLU A 142 7.65 -26.48 24.91
CA GLU A 142 8.93 -26.14 25.51
C GLU A 142 8.91 -24.74 26.13
N TYR A 143 8.11 -23.85 25.57
CA TYR A 143 7.91 -22.53 26.17
C TYR A 143 7.22 -22.66 27.53
N GLN A 144 6.27 -23.58 27.64
CA GLN A 144 5.60 -23.82 28.91
C GLN A 144 6.60 -24.36 29.92
N ALA A 145 7.54 -25.18 29.46
CA ALA A 145 8.60 -25.70 30.32
C ALA A 145 9.51 -24.59 30.81
N LEU A 146 9.84 -23.66 29.92
CA LEU A 146 10.60 -22.48 30.29
C LEU A 146 9.91 -21.75 31.43
N LEU A 147 8.60 -21.59 31.30
CA LEU A 147 7.81 -20.90 32.33
C LEU A 147 7.92 -21.58 33.69
N ARG A 148 8.09 -22.90 33.68
CA ARG A 148 8.24 -23.66 34.92
C ARG A 148 9.66 -23.55 35.50
N GLU A 149 10.65 -23.40 34.62
CA GLU A 149 12.05 -23.34 35.05
C GLU A 149 12.84 -22.33 34.21
N PRO A 150 12.61 -21.04 34.45
CA PRO A 150 13.18 -19.92 33.69
C PRO A 150 14.66 -20.09 33.39
N GLY A 151 15.06 -19.74 32.17
CA GLY A 151 16.44 -19.85 31.75
C GLY A 151 16.69 -18.92 30.58
N PRO A 152 17.90 -18.93 30.02
CA PRO A 152 18.19 -18.01 28.92
C PRO A 152 17.34 -18.32 27.68
N ILE A 153 16.91 -17.27 26.97
CA ILE A 153 16.15 -17.42 25.74
C ILE A 153 17.02 -16.97 24.59
N VAL A 154 17.01 -17.75 23.50
CA VAL A 154 17.67 -17.37 22.25
C VAL A 154 16.70 -17.55 21.08
N ILE A 155 16.46 -16.48 20.33
CA ILE A 155 15.55 -16.51 19.20
C ILE A 155 16.26 -15.87 18.03
N GLY A 156 15.97 -16.32 16.80
CA GLY A 156 16.69 -15.82 15.65
C GLY A 156 16.53 -16.63 14.37
N ALA A 157 17.52 -16.50 13.49
CA ALA A 157 17.49 -17.12 12.19
C ALA A 157 18.87 -17.64 11.81
N MET A 158 18.92 -18.88 11.33
CA MET A 158 20.17 -19.53 10.90
C MET A 158 20.80 -18.93 9.66
N ALA A 159 22.07 -19.27 9.43
CA ALA A 159 22.70 -19.02 8.16
C ALA A 159 21.86 -19.71 7.08
N GLY A 160 21.71 -19.07 5.92
CA GLY A 160 20.92 -19.63 4.84
C GLY A 160 19.42 -19.41 4.96
N ALA A 161 18.97 -18.88 6.09
CA ALA A 161 17.56 -18.58 6.22
C ALA A 161 17.11 -17.52 5.22
N SER A 162 15.81 -17.54 4.91
CA SER A 162 15.28 -16.60 3.94
C SER A 162 14.00 -15.97 4.47
N CYS A 163 13.51 -16.49 5.59
CA CYS A 163 12.27 -16.04 6.18
CA CYS A 163 12.26 -16.04 6.18
C CYS A 163 12.52 -15.37 7.55
N PHE A 164 12.95 -14.12 7.52
CA PHE A 164 13.37 -13.42 8.74
C PHE A 164 12.25 -12.82 9.57
N GLY A 165 11.26 -12.27 8.90
CA GLY A 165 10.13 -11.66 9.58
C GLY A 165 9.59 -12.42 10.78
N PRO A 166 9.30 -13.71 10.62
CA PRO A 166 8.72 -14.49 11.72
C PRO A 166 9.69 -14.68 12.88
N ALA A 167 11.00 -14.58 12.63
CA ALA A 167 11.94 -14.60 13.75
C ALA A 167 11.70 -13.36 14.62
N TYR A 168 11.66 -12.18 14.00
CA TYR A 168 11.34 -10.96 14.73
C TYR A 168 9.97 -11.06 15.40
N GLU A 169 8.97 -11.50 14.66
CA GLU A 169 7.63 -11.60 15.24
C GLU A 169 7.65 -12.46 16.49
N TYR A 170 8.31 -13.62 16.38
CA TYR A 170 8.34 -14.55 17.51
C TYR A 170 9.04 -13.98 18.74
N ALA A 171 10.18 -13.35 18.54
CA ALA A 171 10.93 -12.76 19.65
C ALA A 171 10.04 -11.75 20.37
N MET A 172 9.39 -10.90 19.58
CA MET A 172 8.52 -9.87 20.13
C MET A 172 7.33 -10.47 20.89
N ILE A 173 6.65 -11.46 20.31
CA ILE A 173 5.48 -12.00 21.00
C ILE A 173 5.87 -12.87 22.19
N VAL A 174 7.07 -13.43 22.18
CA VAL A 174 7.54 -14.16 23.35
C VAL A 174 7.81 -13.16 24.47
N ALA A 175 8.52 -12.08 24.17
CA ALA A 175 8.75 -11.05 25.19
C ALA A 175 7.43 -10.54 25.70
N SER A 176 6.52 -10.22 24.78
CA SER A 176 5.23 -9.67 25.20
C SER A 176 4.45 -10.63 26.10
N ASP A 177 4.46 -11.92 25.78
CA ASP A 177 3.73 -12.90 26.57
C ASP A 177 4.35 -13.09 27.96
N LEU A 178 5.67 -13.03 28.02
CA LEU A 178 6.39 -13.11 29.28
C LEU A 178 5.89 -12.02 30.21
N LYS A 179 5.76 -10.80 29.69
CA LYS A 179 5.26 -9.69 30.49
C LYS A 179 3.81 -9.88 30.93
N LYS A 180 2.96 -10.36 30.02
CA LYS A 180 1.55 -10.57 30.37
C LYS A 180 1.46 -11.58 31.51
N ARG A 181 2.44 -12.48 31.59
CA ARG A 181 2.45 -13.54 32.60
C ARG A 181 3.20 -13.12 33.87
N GLY A 182 3.77 -11.92 33.85
CA GLY A 182 4.62 -11.45 34.94
C GLY A 182 5.89 -12.25 35.10
N MET A 183 6.31 -12.92 34.03
CA MET A 183 7.45 -13.84 34.11
C MET A 183 8.71 -13.27 33.46
N ARG A 184 8.59 -12.08 32.87
CA ARG A 184 9.69 -11.51 32.09
C ARG A 184 10.99 -11.31 32.86
N ASP A 185 10.88 -10.81 34.08
CA ASP A 185 12.09 -10.50 34.85
C ASP A 185 12.77 -11.76 35.40
N LYS A 186 12.10 -12.90 35.27
CA LYS A 186 12.70 -14.18 35.67
C LYS A 186 13.65 -14.73 34.60
N ILE A 187 13.71 -14.10 33.44
CA ILE A 187 14.59 -14.57 32.38
C ILE A 187 15.98 -13.95 32.52
N PRO A 188 17.01 -14.80 32.71
CA PRO A 188 18.39 -14.31 32.90
C PRO A 188 18.90 -13.51 31.69
N SER A 189 18.64 -14.00 30.49
CA SER A 189 19.02 -13.29 29.27
C SER A 189 18.08 -13.65 28.12
N PHE A 190 18.01 -12.74 27.15
CA PHE A 190 17.12 -12.88 26.02
C PHE A 190 17.92 -12.32 24.85
N THR A 191 18.43 -13.24 24.02
CA THR A 191 19.30 -12.90 22.90
C THR A 191 18.63 -13.15 21.53
N PHE A 192 18.96 -12.32 20.55
CA PHE A 192 18.44 -12.47 19.21
C PHE A 192 19.64 -12.66 18.31
N ILE A 193 19.66 -13.77 17.59
CA ILE A 193 20.80 -14.12 16.75
C ILE A 193 20.35 -14.23 15.30
N THR A 194 21.01 -13.49 14.41
CA THR A 194 20.65 -13.58 13.01
C THR A 194 21.82 -13.54 12.08
N SER A 195 21.61 -14.14 10.91
CA SER A 195 22.59 -14.17 9.85
C SER A 195 22.50 -12.92 8.96
N GLU A 196 21.46 -12.11 9.15
CA GLU A 196 21.44 -10.79 8.50
C GLU A 196 22.70 -9.97 8.83
N PRO A 197 23.21 -9.21 7.85
CA PRO A 197 24.34 -8.32 8.09
C PRO A 197 23.97 -7.16 9.02
N TYR A 198 22.68 -6.83 9.09
CA TYR A 198 22.19 -5.87 10.08
C TYR A 198 20.73 -6.15 10.38
N ILE A 199 20.26 -5.63 11.50
CA ILE A 199 18.88 -5.85 11.92
C ILE A 199 17.92 -5.30 10.85
N GLY A 200 16.96 -6.11 10.45
CA GLY A 200 15.94 -5.67 9.50
C GLY A 200 16.42 -5.63 8.06
N HIS A 201 17.54 -6.30 7.80
CA HIS A 201 17.98 -6.55 6.44
C HIS A 201 16.92 -7.42 5.76
N LEU A 202 16.45 -8.41 6.51
CA LEU A 202 15.34 -9.27 6.11
C LEU A 202 15.58 -10.06 4.83
N GLY A 203 16.85 -10.23 4.44
CA GLY A 203 17.17 -10.96 3.25
C GLY A 203 17.04 -10.15 1.96
N ILE A 204 16.54 -8.93 2.08
CA ILE A 204 16.26 -8.09 0.90
C ILE A 204 16.91 -6.69 0.99
N GLN A 205 17.98 -6.58 1.79
CA GLN A 205 18.72 -5.33 1.92
C GLN A 205 17.88 -4.21 2.52
N GLY A 206 16.96 -4.58 3.41
CA GLY A 206 16.13 -3.62 4.10
C GLY A 206 14.98 -3.11 3.27
N VAL A 207 13.91 -2.71 3.95
CA VAL A 207 12.79 -2.08 3.31
C VAL A 207 12.32 -0.93 4.19
N GLY A 208 12.27 0.27 3.61
CA GLY A 208 11.98 1.47 4.38
C GLY A 208 12.87 1.57 5.62
N ASP A 209 12.25 1.86 6.76
CA ASP A 209 13.01 1.95 8.00
C ASP A 209 12.93 0.66 8.84
N SER A 210 12.97 -0.49 8.16
CA SER A 210 12.95 -1.77 8.84
C SER A 210 14.07 -1.87 9.87
N LYS A 211 15.26 -1.42 9.52
CA LYS A 211 16.38 -1.46 10.46
C LYS A 211 16.11 -0.67 11.74
N GLY A 212 15.70 0.58 11.59
CA GLY A 212 15.43 1.43 12.74
C GLY A 212 14.31 0.90 13.61
N ILE A 213 13.23 0.47 12.98
CA ILE A 213 12.04 0.06 13.73
C ILE A 213 12.23 -1.26 14.45
N LEU A 214 12.80 -2.24 13.77
CA LEU A 214 13.05 -3.54 14.37
C LEU A 214 14.11 -3.41 15.49
N THR A 215 15.17 -2.65 15.23
CA THR A 215 16.16 -2.39 16.26
C THR A 215 15.50 -1.83 17.51
N LYS A 216 14.62 -0.84 17.34
CA LYS A 216 13.95 -0.21 18.46
C LYS A 216 13.02 -1.18 19.19
N GLY A 217 12.40 -2.09 18.47
CA GLY A 217 11.53 -3.09 19.09
C GLY A 217 12.29 -4.06 19.98
N LEU A 218 13.39 -4.60 19.48
CA LEU A 218 14.21 -5.51 20.28
C LEU A 218 14.73 -4.79 21.54
N LYS A 219 15.25 -3.57 21.35
CA LYS A 219 15.77 -2.79 22.46
C LYS A 219 14.70 -2.58 23.53
N GLU A 220 13.51 -2.15 23.12
CA GLU A 220 12.40 -1.96 24.05
C GLU A 220 11.99 -3.22 24.81
N GLU A 221 12.26 -4.39 24.24
CA GLU A 221 11.87 -5.64 24.90
C GLU A 221 13.00 -6.21 25.74
N GLY A 222 14.14 -5.51 25.75
CA GLY A 222 15.28 -5.92 26.53
C GLY A 222 16.00 -7.09 25.86
N ILE A 223 15.89 -7.15 24.55
CA ILE A 223 16.49 -8.24 23.80
C ILE A 223 17.80 -7.76 23.23
N GLU A 224 18.85 -8.55 23.44
CA GLU A 224 20.16 -8.19 22.91
C GLU A 224 20.38 -8.89 21.57
N ALA A 225 20.78 -8.14 20.55
CA ALA A 225 20.82 -8.69 19.20
C ALA A 225 22.20 -8.74 18.59
N TYR A 226 22.49 -9.82 17.88
CA TYR A 226 23.76 -10.00 17.20
C TYR A 226 23.50 -10.37 15.75
N THR A 227 24.21 -9.71 14.85
CA THR A 227 24.05 -9.89 13.42
C THR A 227 25.33 -10.48 12.84
N ASN A 228 25.31 -10.85 11.57
CA ASN A 228 26.45 -11.53 10.96
C ASN A 228 26.85 -12.81 11.69
N CYS A 229 25.86 -13.53 12.19
CA CYS A 229 26.08 -14.76 12.94
C CYS A 229 25.70 -16.03 12.18
N LYS A 230 26.49 -17.07 12.40
CA LYS A 230 26.07 -18.41 12.02
C LYS A 230 26.20 -19.36 13.20
N VAL A 231 25.17 -20.17 13.42
CA VAL A 231 25.26 -21.20 14.45
C VAL A 231 25.99 -22.39 13.85
N THR A 232 27.07 -22.83 14.48
CA THR A 232 27.83 -23.96 13.97
C THR A 232 27.28 -25.27 14.52
N LYS A 233 26.75 -25.24 15.73
CA LYS A 233 26.12 -26.42 16.30
C LYS A 233 25.35 -26.09 17.55
N VAL A 234 24.47 -27.00 17.95
CA VAL A 234 23.74 -26.90 19.20
C VAL A 234 24.03 -28.18 19.97
N GLU A 235 24.68 -28.03 21.12
CA GLU A 235 25.14 -29.17 21.89
C GLU A 235 25.07 -28.89 23.38
N ASP A 236 24.52 -29.85 24.12
CA ASP A 236 24.43 -29.78 25.57
C ASP A 236 23.73 -28.51 26.02
N ASN A 237 22.63 -28.19 25.35
CA ASN A 237 21.84 -27.03 25.73
C ASN A 237 22.63 -25.74 25.59
N LYS A 238 23.58 -25.76 24.67
CA LYS A 238 24.40 -24.60 24.37
C LYS A 238 24.41 -24.36 22.86
N MET A 239 24.32 -23.11 22.46
CA MET A 239 24.36 -22.77 21.07
C MET A 239 25.72 -22.17 20.74
N TYR A 240 26.43 -22.80 19.82
CA TYR A 240 27.75 -22.32 19.39
C TYR A 240 27.64 -21.39 18.19
N VAL A 241 27.98 -20.13 18.41
CA VAL A 241 27.79 -19.10 17.40
C VAL A 241 29.12 -18.51 16.95
N THR A 242 29.27 -18.38 15.63
CA THR A 242 30.42 -17.71 15.05
C THR A 242 29.93 -16.42 14.41
N GLN A 243 30.65 -15.33 14.63
CA GLN A 243 30.27 -14.03 14.10
C GLN A 243 31.40 -13.50 13.26
N VAL A 244 31.05 -12.95 12.10
CA VAL A 244 32.07 -12.49 11.18
C VAL A 244 31.93 -11.00 10.97
N ASP A 245 32.93 -10.39 10.34
CA ASP A 245 32.82 -9.00 9.94
C ASP A 245 32.32 -8.98 8.48
N GLU A 246 32.15 -7.79 7.93
CA GLU A 246 31.57 -7.63 6.58
C GLU A 246 32.37 -8.39 5.53
N LYS A 247 33.59 -8.78 5.88
CA LYS A 247 34.51 -9.39 4.93
C LYS A 247 34.64 -10.88 5.15
N GLY A 248 33.86 -11.42 6.08
CA GLY A 248 33.84 -12.85 6.30
C GLY A 248 34.77 -13.34 7.39
N GLU A 249 35.78 -12.55 7.73
CA GLU A 249 36.71 -12.93 8.80
C GLU A 249 35.97 -13.04 10.11
N THR A 250 36.19 -14.11 10.86
CA THR A 250 35.49 -14.24 12.13
C THR A 250 36.10 -13.30 13.19
N ILE A 251 35.23 -12.64 13.94
CA ILE A 251 35.70 -11.64 14.91
C ILE A 251 35.33 -12.07 16.32
N LYS A 252 34.46 -13.05 16.43
CA LYS A 252 34.27 -13.71 17.70
C LYS A 252 33.46 -14.98 17.63
N GLU A 253 33.64 -15.83 18.65
CA GLU A 253 32.76 -16.97 18.84
C GLU A 253 32.04 -16.80 20.16
N MET A 254 30.82 -17.31 20.23
CA MET A 254 30.06 -17.27 21.47
C MET A 254 29.53 -18.65 21.77
N VAL A 255 29.32 -18.91 23.06
CA VAL A 255 28.65 -20.12 23.49
C VAL A 255 27.51 -19.64 24.35
N LEU A 256 26.29 -19.86 23.88
CA LEU A 256 25.12 -19.37 24.60
C LEU A 256 24.34 -20.51 25.20
N PRO A 257 24.19 -20.49 26.53
CA PRO A 257 23.33 -21.47 27.18
C PRO A 257 21.90 -21.24 26.72
N VAL A 258 21.12 -22.30 26.57
CA VAL A 258 19.74 -22.16 26.11
C VAL A 258 18.76 -23.04 26.86
N LYS A 259 17.77 -22.40 27.48
CA LYS A 259 16.68 -23.15 28.07
C LYS A 259 15.54 -23.22 27.07
N PHE A 260 15.30 -22.10 26.38
CA PHE A 260 14.29 -22.03 25.33
C PHE A 260 14.87 -21.31 24.13
N GLY A 261 14.66 -21.90 22.96
CA GLY A 261 15.26 -21.40 21.74
C GLY A 261 14.36 -21.65 20.55
N MET A 262 14.53 -20.82 19.52
CA MET A 262 13.74 -20.91 18.29
C MET A 262 14.54 -20.22 17.22
N MET A 263 15.08 -21.00 16.28
CA MET A 263 15.78 -20.43 15.14
C MET A 263 15.10 -20.85 13.83
N ILE A 264 14.83 -19.87 12.97
CA ILE A 264 14.35 -20.14 11.62
C ILE A 264 15.43 -20.88 10.84
N PRO A 265 15.15 -22.11 10.40
CA PRO A 265 16.16 -22.86 9.66
C PRO A 265 16.33 -22.38 8.23
N ALA A 266 17.44 -22.74 7.60
CA ALA A 266 17.57 -22.55 6.16
C ALA A 266 16.58 -23.48 5.43
N PHE A 267 16.14 -23.09 4.23
CA PHE A 267 15.20 -23.89 3.43
C PHE A 267 15.94 -24.60 2.29
N LYS A 268 15.58 -25.85 2.05
CA LYS A 268 16.05 -26.55 0.85
C LYS A 268 14.85 -27.13 0.10
N GLY A 269 15.09 -27.70 -1.07
CA GLY A 269 14.02 -28.40 -1.77
C GLY A 269 13.78 -29.75 -1.11
N VAL A 270 12.53 -30.22 -1.13
CA VAL A 270 12.24 -31.56 -0.58
C VAL A 270 12.92 -32.67 -1.40
N PRO A 271 13.21 -33.79 -0.74
CA PRO A 271 13.99 -34.86 -1.38
C PRO A 271 13.36 -35.43 -2.66
N ALA A 272 12.05 -35.68 -2.67
CA ALA A 272 11.42 -36.27 -3.85
C ALA A 272 11.66 -35.40 -5.08
N VAL A 273 11.66 -34.09 -4.87
CA VAL A 273 11.83 -33.14 -5.94
C VAL A 273 13.30 -32.96 -6.27
N ALA A 274 14.13 -32.81 -5.24
CA ALA A 274 15.56 -32.64 -5.44
C ALA A 274 16.16 -33.85 -6.14
N GLY A 275 15.56 -35.02 -5.92
CA GLY A 275 16.05 -36.24 -6.54
C GLY A 275 15.70 -36.45 -8.02
N VAL A 276 15.06 -35.47 -8.65
CA VAL A 276 14.78 -35.61 -10.08
C VAL A 276 15.92 -35.05 -10.91
N GLU A 277 16.59 -35.95 -11.62
CA GLU A 277 17.75 -35.59 -12.43
C GLU A 277 17.60 -34.30 -13.23
N GLY A 278 18.48 -33.34 -12.94
CA GLY A 278 18.57 -32.09 -13.68
C GLY A 278 17.43 -31.11 -13.46
N LEU A 279 16.52 -31.43 -12.54
CA LEU A 279 15.37 -30.58 -12.29
C LEU A 279 15.71 -29.35 -11.45
N CYS A 280 16.66 -29.50 -10.52
CA CYS A 280 16.91 -28.50 -9.47
C CYS A 280 18.35 -28.04 -9.37
N ASN A 281 18.55 -26.94 -8.66
CA ASN A 281 19.89 -26.49 -8.34
C ASN A 281 20.40 -27.32 -7.15
N PRO A 282 21.66 -27.13 -6.73
CA PRO A 282 22.22 -27.92 -5.61
C PRO A 282 21.40 -27.85 -4.31
N GLY A 283 20.75 -26.72 -4.03
CA GLY A 283 19.86 -26.62 -2.89
C GLY A 283 18.53 -27.36 -3.06
N GLY A 284 18.29 -27.89 -4.25
CA GLY A 284 17.07 -28.65 -4.52
C GLY A 284 15.86 -27.83 -4.93
N PHE A 285 16.11 -26.59 -5.39
CA PHE A 285 15.02 -25.74 -5.87
C PHE A 285 14.84 -25.89 -7.39
N VAL A 286 13.58 -25.94 -7.84
CA VAL A 286 13.28 -26.23 -9.24
C VAL A 286 13.70 -25.10 -10.17
N LEU A 287 14.56 -25.39 -11.13
CA LEU A 287 14.97 -24.38 -12.12
C LEU A 287 13.82 -24.18 -13.11
N VAL A 288 13.23 -23.00 -13.10
CA VAL A 288 12.15 -22.69 -14.01
C VAL A 288 12.44 -21.46 -14.85
N ASP A 289 11.69 -21.31 -15.94
CA ASP A 289 11.76 -20.10 -16.75
C ASP A 289 10.73 -19.10 -16.26
N GLU A 290 10.59 -17.97 -16.95
CA GLU A 290 9.64 -16.94 -16.53
C GLU A 290 8.16 -17.39 -16.64
N HIS A 291 7.94 -18.56 -17.23
CA HIS A 291 6.57 -19.07 -17.40
C HIS A 291 6.21 -20.15 -16.37
N GLN A 292 7.12 -20.33 -15.40
CA GLN A 292 6.98 -21.32 -14.34
C GLN A 292 7.20 -22.75 -14.83
N ARG A 293 7.74 -22.89 -16.03
CA ARG A 293 7.99 -24.20 -16.60
C ARG A 293 9.39 -24.66 -16.25
N SER A 294 9.51 -25.92 -15.83
CA SER A 294 10.81 -26.50 -15.59
C SER A 294 11.68 -26.32 -16.83
N LYS A 295 12.93 -25.92 -16.65
CA LYS A 295 13.85 -25.80 -17.79
C LYS A 295 14.27 -27.16 -18.36
N LYS A 296 14.22 -28.19 -17.54
CA LYS A 296 14.67 -29.50 -17.98
C LYS A 296 13.53 -30.36 -18.54
N TYR A 297 12.31 -30.15 -18.05
CA TYR A 297 11.15 -30.96 -18.46
C TYR A 297 9.98 -30.10 -18.86
N ALA A 298 9.54 -30.23 -20.12
CA ALA A 298 8.51 -29.35 -20.63
C ALA A 298 7.15 -29.54 -19.97
N ASN A 299 6.93 -30.71 -19.38
CA ASN A 299 5.63 -30.97 -18.73
C ASN A 299 5.65 -30.83 -17.20
N ILE A 300 6.72 -30.24 -16.67
CA ILE A 300 6.77 -29.96 -15.23
C ILE A 300 6.78 -28.48 -14.99
N PHE A 301 5.81 -28.02 -14.20
CA PHE A 301 5.79 -26.65 -13.75
C PHE A 301 5.99 -26.62 -12.23
N ALA A 302 6.28 -25.45 -11.68
CA ALA A 302 6.50 -25.35 -10.24
C ALA A 302 6.13 -23.97 -9.78
N ALA A 303 5.65 -23.89 -8.55
CA ALA A 303 5.30 -22.61 -7.96
C ALA A 303 5.64 -22.59 -6.48
N GLY A 304 5.77 -21.39 -5.94
CA GLY A 304 5.97 -21.22 -4.51
C GLY A 304 7.41 -21.38 -4.10
N ILE A 305 7.63 -21.76 -2.86
CA ILE A 305 8.98 -21.79 -2.29
C ILE A 305 9.88 -22.79 -3.02
N ALA A 306 9.27 -23.82 -3.59
CA ALA A 306 9.97 -24.86 -4.34
C ALA A 306 10.79 -24.38 -5.54
N ILE A 307 10.46 -23.21 -6.09
CA ILE A 307 11.20 -22.75 -7.28
C ILE A 307 12.49 -22.04 -6.95
N ALA A 308 13.43 -22.10 -7.89
CA ALA A 308 14.71 -21.41 -7.74
C ALA A 308 14.56 -19.96 -8.17
N ILE A 309 15.07 -19.06 -7.33
CA ILE A 309 15.16 -17.66 -7.67
C ILE A 309 16.56 -17.18 -7.31
N PRO A 310 17.36 -16.84 -8.32
CA PRO A 310 18.77 -16.45 -8.19
C PRO A 310 18.91 -15.26 -7.25
N PRO A 311 19.95 -15.27 -6.42
CA PRO A 311 20.23 -14.11 -5.56
C PRO A 311 20.61 -12.92 -6.42
N VAL A 312 20.26 -11.72 -5.98
CA VAL A 312 20.68 -10.50 -6.65
C VAL A 312 21.81 -9.84 -5.86
N GLU A 313 22.11 -10.42 -4.70
CA GLU A 313 23.11 -9.87 -3.81
C GLU A 313 23.65 -11.00 -2.93
N THR A 314 24.79 -10.75 -2.30
CA THR A 314 25.38 -11.73 -1.40
C THR A 314 25.64 -11.09 -0.05
N THR A 315 25.71 -11.89 1.01
CA THR A 315 25.94 -11.36 2.35
C THR A 315 27.07 -12.10 3.07
N PRO A 316 27.72 -11.44 4.06
CA PRO A 316 28.86 -12.06 4.75
C PRO A 316 28.54 -13.45 5.24
N VAL A 317 27.39 -13.59 5.89
CA VAL A 317 26.83 -14.89 6.21
C VAL A 317 25.71 -15.19 5.21
N PRO A 318 25.73 -16.37 4.60
CA PRO A 318 24.69 -16.67 3.60
C PRO A 318 23.29 -16.42 4.16
N THR A 319 22.49 -15.71 3.36
CA THR A 319 21.08 -15.47 3.68
C THR A 319 20.30 -15.63 2.38
N GLY A 320 19.00 -15.88 2.47
CA GLY A 320 18.18 -15.94 1.27
C GLY A 320 17.10 -14.86 1.25
N ALA A 321 16.50 -14.67 0.08
CA ALA A 321 15.38 -13.75 -0.06
C ALA A 321 14.08 -14.54 0.06
N PRO A 322 13.09 -14.00 0.77
CA PRO A 322 11.87 -14.77 1.02
C PRO A 322 11.00 -14.85 -0.22
N LYS A 323 10.22 -15.93 -0.32
CA LYS A 323 9.20 -16.09 -1.37
C LYS A 323 7.88 -16.00 -0.66
N THR A 324 7.08 -14.98 -0.98
CA THR A 324 5.91 -14.70 -0.17
C THR A 324 4.58 -14.81 -0.93
N GLY A 325 3.48 -14.70 -0.19
CA GLY A 325 2.16 -15.11 -0.68
C GLY A 325 1.67 -14.55 -1.99
N TYR A 326 1.67 -13.22 -2.10
CA TYR A 326 1.18 -12.61 -3.32
C TYR A 326 1.94 -13.16 -4.53
N MET A 327 3.25 -13.17 -4.45
CA MET A 327 4.07 -13.62 -5.55
C MET A 327 3.87 -15.11 -5.87
N ILE A 328 3.65 -15.90 -4.83
CA ILE A 328 3.39 -17.31 -5.00
C ILE A 328 2.08 -17.55 -5.75
N GLU A 329 1.01 -16.87 -5.35
CA GLU A 329 -0.27 -16.99 -6.03
C GLU A 329 -0.12 -16.55 -7.48
N SER A 330 0.72 -15.55 -7.69
CA SER A 330 0.98 -15.06 -9.02
C SER A 330 1.70 -16.12 -9.87
N MET A 331 2.57 -16.90 -9.24
CA MET A 331 3.24 -18.01 -9.93
C MET A 331 2.23 -19.11 -10.24
N VAL A 332 1.33 -19.37 -9.30
CA VAL A 332 0.34 -20.42 -9.46
C VAL A 332 -0.52 -20.07 -10.67
N SER A 333 -1.02 -18.84 -10.67
CA SER A 333 -1.85 -18.35 -11.76
C SER A 333 -1.17 -18.52 -13.12
N ALA A 334 0.09 -18.12 -13.21
CA ALA A 334 0.83 -18.27 -14.47
C ALA A 334 0.96 -19.74 -14.87
N ALA A 335 1.35 -20.59 -13.92
CA ALA A 335 1.48 -22.02 -14.22
C ALA A 335 0.16 -22.65 -14.68
N VAL A 336 -0.95 -22.26 -14.08
CA VAL A 336 -2.22 -22.87 -14.42
C VAL A 336 -2.57 -22.44 -15.84
N HIS A 337 -2.41 -21.15 -16.10
CA HIS A 337 -2.66 -20.62 -17.41
C HIS A 337 -1.77 -21.29 -18.47
N ASN A 338 -0.49 -21.45 -18.17
CA ASN A 338 0.40 -21.98 -19.21
C ASN A 338 0.26 -23.48 -19.42
N ILE A 339 -0.22 -24.20 -18.41
CA ILE A 339 -0.49 -25.62 -18.58
C ILE A 339 -1.69 -25.78 -19.49
N LYS A 340 -2.74 -24.99 -19.24
CA LYS A 340 -3.95 -25.03 -20.05
C LYS A 340 -3.61 -24.74 -21.50
N ALA A 341 -2.81 -23.70 -21.72
CA ALA A 341 -2.37 -23.38 -23.06
C ALA A 341 -1.67 -24.59 -23.67
N ASP A 342 -0.75 -25.19 -22.92
CA ASP A 342 0.00 -26.32 -23.43
C ASP A 342 -0.93 -27.48 -23.82
N LEU A 343 -2.05 -27.62 -23.11
CA LEU A 343 -3.08 -28.60 -23.44
C LEU A 343 -3.68 -28.30 -24.79
N GLU A 344 -4.01 -27.04 -25.00
CA GLU A 344 -4.61 -26.59 -26.24
C GLU A 344 -3.55 -26.40 -27.31
N GLY A 345 -2.41 -27.08 -27.13
CA GLY A 345 -1.33 -27.06 -28.10
C GLY A 345 -0.77 -25.69 -28.46
N ARG A 346 -0.58 -24.83 -27.45
CA ARG A 346 0.06 -23.53 -27.64
C ARG A 346 1.15 -23.35 -26.58
N LYS A 347 1.93 -22.29 -26.71
CA LYS A 347 2.88 -21.92 -25.67
C LYS A 347 2.33 -20.75 -24.85
N GLY A 348 2.07 -21.01 -23.58
CA GLY A 348 1.58 -19.98 -22.67
C GLY A 348 2.65 -18.94 -22.40
N GLU A 349 2.23 -17.68 -22.32
CA GLU A 349 3.18 -16.57 -22.20
C GLU A 349 3.02 -15.83 -20.88
N GLN A 350 2.11 -16.29 -20.03
CA GLN A 350 1.90 -15.60 -18.77
C GLN A 350 3.12 -15.77 -17.85
N THR A 351 3.42 -14.74 -17.08
CA THR A 351 4.54 -14.82 -16.15
C THR A 351 4.11 -14.46 -14.74
N MET A 352 5.03 -14.71 -13.82
CA MET A 352 4.94 -14.35 -12.42
C MET A 352 4.75 -12.85 -12.27
N GLY A 353 5.35 -12.10 -13.18
CA GLY A 353 5.38 -10.65 -13.05
C GLY A 353 6.60 -10.21 -12.25
N THR A 354 6.52 -8.99 -11.72
CA THR A 354 7.66 -8.42 -11.01
C THR A 354 7.87 -9.11 -9.69
N TRP A 355 9.12 -9.47 -9.40
CA TRP A 355 9.46 -9.96 -8.07
C TRP A 355 8.96 -8.98 -7.01
N ASN A 356 8.36 -9.51 -5.94
CA ASN A 356 7.98 -8.69 -4.82
C ASN A 356 7.98 -9.49 -3.55
N ALA A 357 8.11 -8.79 -2.43
CA ALA A 357 7.99 -9.40 -1.12
C ALA A 357 6.94 -8.62 -0.33
N VAL A 358 6.02 -9.36 0.27
CA VAL A 358 4.98 -8.77 1.09
C VAL A 358 4.83 -9.63 2.34
N CYS A 359 4.94 -9.01 3.50
CA CYS A 359 4.94 -9.73 4.76
C CYS A 359 4.19 -8.94 5.82
N PHE A 360 3.34 -9.64 6.56
CA PHE A 360 2.64 -9.03 7.69
C PHE A 360 3.00 -9.76 8.98
N ALA A 361 3.57 -9.05 9.95
CA ALA A 361 3.87 -9.66 11.25
C ALA A 361 3.00 -9.05 12.35
N ASP A 362 2.17 -9.87 12.97
CA ASP A 362 1.30 -9.39 14.03
C ASP A 362 1.94 -9.65 15.41
N MET A 363 2.14 -8.59 16.19
CA MET A 363 2.74 -8.73 17.51
C MET A 363 1.72 -8.66 18.65
N GLY A 364 0.43 -8.65 18.30
CA GLY A 364 -0.60 -8.61 19.31
C GLY A 364 -1.76 -7.70 18.97
N ASP A 365 -1.60 -6.40 19.20
CA ASP A 365 -2.65 -5.44 18.85
C ASP A 365 -2.11 -4.50 17.80
N ARG A 366 -0.84 -4.68 17.48
CA ARG A 366 -0.21 -3.95 16.40
C ARG A 366 0.87 -4.84 15.76
N GLY A 367 1.32 -4.47 14.57
CA GLY A 367 2.33 -5.23 13.90
C GLY A 367 3.12 -4.44 12.89
N ALA A 368 3.98 -5.14 12.16
CA ALA A 368 4.74 -4.54 11.08
C ALA A 368 4.35 -5.21 9.77
N ALA A 369 4.37 -4.44 8.70
CA ALA A 369 4.10 -4.97 7.37
C ALA A 369 5.06 -4.28 6.42
N PHE A 370 5.46 -5.00 5.38
CA PHE A 370 6.27 -4.38 4.36
C PHE A 370 5.91 -4.87 2.96
N ILE A 371 6.22 -4.03 1.97
CA ILE A 371 6.09 -4.38 0.58
C ILE A 371 7.34 -3.86 -0.09
N ALA A 372 8.01 -4.73 -0.83
CA ALA A 372 9.19 -4.31 -1.57
C ALA A 372 9.12 -4.88 -2.97
N LEU A 373 9.42 -4.04 -3.96
CA LEU A 373 9.52 -4.49 -5.34
C LEU A 373 10.19 -3.43 -6.20
N PRO A 374 11.02 -3.84 -7.17
CA PRO A 374 11.39 -5.24 -7.37
C PRO A 374 12.48 -5.64 -6.36
N GLN A 375 13.23 -6.72 -6.64
CA GLN A 375 14.17 -7.23 -5.65
C GLN A 375 15.37 -6.30 -5.40
N LEU A 376 15.94 -5.78 -6.47
CA LEU A 376 17.11 -4.91 -6.42
C LEU A 376 16.68 -3.43 -6.36
N LYS A 377 17.39 -2.62 -5.58
CA LYS A 377 17.12 -1.18 -5.55
C LYS A 377 17.76 -0.49 -6.76
N PRO A 378 17.21 0.66 -7.20
CA PRO A 378 16.08 1.41 -6.63
C PRO A 378 14.73 0.75 -6.86
N ARG A 379 13.88 0.82 -5.83
CA ARG A 379 12.59 0.13 -5.86
C ARG A 379 11.44 1.04 -6.25
N LYS A 380 10.42 0.44 -6.84
CA LYS A 380 9.18 1.13 -7.15
C LYS A 380 8.27 1.21 -5.93
N VAL A 381 8.38 0.24 -5.04
CA VAL A 381 7.70 0.29 -3.75
C VAL A 381 8.64 -0.24 -2.69
N ASP A 382 8.78 0.50 -1.59
CA ASP A 382 9.73 0.10 -0.54
C ASP A 382 9.18 0.58 0.80
N VAL A 383 8.13 -0.06 1.27
CA VAL A 383 7.40 0.41 2.45
C VAL A 383 7.46 -0.53 3.65
N PHE A 384 7.86 0.00 4.80
CA PHE A 384 7.80 -0.74 6.06
C PHE A 384 6.95 0.06 7.01
N ALA A 385 5.83 -0.53 7.44
CA ALA A 385 4.85 0.18 8.23
C ALA A 385 4.57 -0.53 9.55
N TYR A 386 4.51 0.25 10.62
CA TYR A 386 4.16 -0.28 11.92
C TYR A 386 2.89 0.39 12.40
N GLY A 387 1.98 -0.39 12.98
CA GLY A 387 0.81 0.20 13.60
C GLY A 387 -0.26 -0.82 13.92
N ARG A 388 -1.33 -0.35 14.56
CA ARG A 388 -2.45 -1.20 14.92
C ARG A 388 -3.15 -1.80 13.70
N TRP A 389 -3.15 -1.08 12.59
CA TRP A 389 -3.95 -1.52 11.45
C TRP A 389 -3.44 -2.87 10.93
N VAL A 390 -2.13 -3.10 11.06
CA VAL A 390 -1.52 -4.34 10.61
C VAL A 390 -2.12 -5.55 11.32
N HIS A 391 -2.46 -5.40 12.60
CA HIS A 391 -3.07 -6.49 13.35
C HIS A 391 -4.42 -6.82 12.74
N LEU A 392 -5.22 -5.80 12.49
CA LEU A 392 -6.53 -5.98 11.85
C LEU A 392 -6.38 -6.65 10.49
N ALA A 393 -5.41 -6.20 9.71
CA ALA A 393 -5.22 -6.70 8.35
C ALA A 393 -4.90 -8.19 8.41
N LYS A 394 -3.94 -8.53 9.26
CA LYS A 394 -3.47 -9.90 9.39
C LYS A 394 -4.62 -10.83 9.79
N VAL A 395 -5.44 -10.38 10.73
CA VAL A 395 -6.58 -11.18 11.16
C VAL A 395 -7.60 -11.36 10.04
N ALA A 396 -7.90 -10.28 9.33
CA ALA A 396 -8.89 -10.33 8.26
C ALA A 396 -8.42 -11.24 7.14
N PHE A 397 -7.13 -11.16 6.81
CA PHE A 397 -6.61 -11.96 5.72
C PHE A 397 -6.61 -13.45 6.03
N GLU A 398 -6.22 -13.82 7.25
CA GLU A 398 -6.26 -15.22 7.66
C GLU A 398 -7.70 -15.76 7.54
N LYS A 399 -8.65 -14.97 8.01
CA LYS A 399 -10.05 -15.35 7.93
C LYS A 399 -10.47 -15.56 6.48
N TYR A 400 -10.12 -14.61 5.63
CA TYR A 400 -10.50 -14.69 4.23
C TYR A 400 -9.84 -15.86 3.51
N PHE A 401 -8.55 -16.07 3.75
CA PHE A 401 -7.79 -17.09 3.03
C PHE A 401 -8.27 -18.49 3.41
N ILE A 402 -8.48 -18.72 4.70
CA ILE A 402 -8.99 -20.01 5.13
C ILE A 402 -10.38 -20.27 4.55
N ARG A 403 -11.17 -19.21 4.46
CA ARG A 403 -12.52 -19.32 3.94
C ARG A 403 -12.46 -19.67 2.44
N LYS A 404 -11.55 -19.04 1.72
CA LYS A 404 -11.41 -19.32 0.29
C LYS A 404 -10.89 -20.74 0.04
N MET A 405 -10.02 -21.23 0.91
CA MET A 405 -9.50 -22.59 0.76
C MET A 405 -10.58 -23.65 0.96
N LYS A 406 -11.67 -23.26 1.63
CA LYS A 406 -12.80 -24.16 1.82
C LYS A 406 -13.80 -24.03 0.67
N MET A 407 -14.08 -22.81 0.24
CA MET A 407 -15.08 -22.55 -0.79
C MET A 407 -14.58 -22.82 -2.20
N GLY A 408 -13.27 -22.75 -2.39
CA GLY A 408 -12.72 -22.86 -3.73
C GLY A 408 -12.32 -21.50 -4.28
N VAL A 409 -11.40 -21.53 -5.23
CA VAL A 409 -10.79 -20.32 -5.77
C VAL A 409 -10.71 -20.41 -7.29
N SER A 410 -10.62 -19.27 -7.97
CA SER A 410 -10.48 -19.26 -9.43
C SER A 410 -9.22 -18.50 -9.86
N GLU A 411 -9.06 -18.32 -11.17
CA GLU A 411 -7.86 -17.64 -11.71
C GLU A 411 -7.51 -16.29 -11.06
N PRO A 412 -8.49 -15.36 -11.00
CA PRO A 412 -8.26 -14.00 -10.49
C PRO A 412 -7.95 -13.95 -8.99
N PHE A 413 -7.83 -15.13 -8.38
CA PHE A 413 -7.62 -15.19 -6.93
C PHE A 413 -6.43 -14.37 -6.48
N TYR A 414 -5.31 -14.52 -7.17
CA TYR A 414 -4.06 -13.88 -6.74
C TYR A 414 -4.18 -12.36 -6.63
N GLU A 415 -5.03 -11.75 -7.45
CA GLU A 415 -5.26 -10.32 -7.37
C GLU A 415 -6.11 -9.96 -6.14
N LYS A 416 -7.04 -10.84 -5.79
CA LYS A 416 -7.80 -10.70 -4.55
C LYS A 416 -6.86 -10.87 -3.36
N VAL A 417 -5.88 -11.75 -3.52
CA VAL A 417 -4.88 -11.97 -2.49
C VAL A 417 -4.10 -10.69 -2.22
N LEU A 418 -3.93 -9.86 -3.24
CA LEU A 418 -3.16 -8.63 -3.11
C LEU A 418 -3.89 -7.58 -2.27
N PHE A 419 -5.18 -7.37 -2.55
CA PHE A 419 -5.94 -6.32 -1.89
C PHE A 419 -6.59 -6.77 -0.58
N LYS A 420 -6.47 -8.06 -0.27
CA LYS A 420 -7.00 -8.59 0.99
C LYS A 420 -5.92 -8.57 2.09
N MET A 421 -4.67 -8.74 1.68
CA MET A 421 -3.56 -8.69 2.61
C MET A 421 -3.52 -7.36 3.33
N MET A 422 -3.92 -6.30 2.63
CA MET A 422 -4.04 -4.97 3.22
C MET A 422 -5.35 -4.83 4.01
N GLY A 423 -6.46 -4.65 3.30
CA GLY A 423 -7.75 -4.64 3.95
C GLY A 423 -8.53 -3.36 3.74
N ILE A 424 -9.25 -3.27 2.62
CA ILE A 424 -9.32 -4.33 1.63
C ILE A 424 -9.73 -3.74 0.28
N THR A 425 -10.40 -4.54 -0.54
CA THR A 425 -11.29 -4.00 -1.56
C THR A 425 -12.68 -4.21 -0.99
N ARG A 426 -12.78 -5.21 -0.11
CA ARG A 426 -13.97 -5.44 0.69
C ARG A 426 -14.27 -4.20 1.52
N LEU A 427 -13.34 -3.85 2.40
CA LEU A 427 -13.43 -2.58 3.11
C LEU A 427 -12.66 -1.51 2.36
N LYS A 428 -13.42 -0.73 1.60
CA LYS A 428 -12.94 0.16 0.56
C LYS A 428 -14.19 0.29 -0.28
N GLU A 429 -15.03 -0.73 -0.14
CA GLU A 429 -16.35 -0.81 -0.77
C GLU A 429 -16.29 -1.09 -2.27
N GLU A 430 -15.45 -2.06 -2.65
CA GLU A 430 -15.45 -2.56 -4.02
C GLU A 430 -14.84 -1.56 -5.00
N SER B 4 -33.81 12.27 -26.07
CA SER B 4 -33.51 11.69 -24.76
C SER B 4 -32.54 12.59 -23.93
N ALA B 5 -32.36 12.24 -22.66
CA ALA B 5 -31.74 13.16 -21.70
C ALA B 5 -30.39 13.75 -22.09
N HIS B 6 -30.26 15.05 -21.85
CA HIS B 6 -29.00 15.77 -22.02
C HIS B 6 -28.28 15.80 -20.65
N VAL B 7 -27.02 15.38 -20.63
CA VAL B 7 -26.24 15.36 -19.39
C VAL B 7 -25.11 16.39 -19.40
N VAL B 8 -25.06 17.21 -18.35
CA VAL B 8 -24.05 18.25 -18.23
C VAL B 8 -23.11 17.99 -17.05
N ILE B 9 -21.82 18.00 -17.34
CA ILE B 9 -20.79 17.91 -16.31
C ILE B 9 -20.22 19.31 -16.09
N LEU B 10 -20.27 19.82 -14.87
CA LEU B 10 -19.78 21.16 -14.57
C LEU B 10 -18.41 21.13 -13.88
N GLY B 11 -17.37 21.42 -14.66
CA GLY B 11 -16.01 21.52 -14.16
C GLY B 11 -15.12 20.45 -14.73
N ALA B 12 -14.01 20.86 -15.34
CA ALA B 12 -13.15 19.89 -15.99
C ALA B 12 -11.82 19.72 -15.24
N GLY B 13 -11.92 19.25 -14.00
CA GLY B 13 -10.72 19.02 -13.20
C GLY B 13 -10.48 17.53 -12.99
N THR B 14 -9.90 17.20 -11.84
CA THR B 14 -9.58 15.81 -11.53
C THR B 14 -10.81 14.89 -11.58
N GLY B 15 -11.94 15.38 -11.12
CA GLY B 15 -13.17 14.62 -11.17
C GLY B 15 -13.93 14.84 -12.48
N GLY B 16 -14.02 16.09 -12.92
CA GLY B 16 -14.86 16.46 -14.03
C GLY B 16 -14.51 15.84 -15.38
N MET B 17 -13.23 15.90 -15.73
CA MET B 17 -12.76 15.32 -16.99
C MET B 17 -13.05 13.84 -17.08
N PRO B 18 -12.52 13.04 -16.15
CA PRO B 18 -12.87 11.63 -16.19
C PRO B 18 -14.38 11.44 -16.27
N ALA B 19 -15.13 12.29 -15.57
CA ALA B 19 -16.56 12.08 -15.49
C ALA B 19 -17.23 12.27 -16.85
N ALA B 20 -16.70 13.21 -17.63
CA ALA B 20 -17.25 13.46 -18.96
C ALA B 20 -16.98 12.27 -19.87
N TYR B 21 -15.73 11.80 -19.88
CA TYR B 21 -15.38 10.64 -20.67
C TYR B 21 -16.23 9.43 -20.27
N GLU B 22 -16.34 9.20 -18.97
CA GLU B 22 -17.11 8.06 -18.48
C GLU B 22 -18.60 8.16 -18.77
N MET B 23 -19.14 9.37 -18.72
CA MET B 23 -20.57 9.59 -18.94
C MET B 23 -20.93 9.36 -20.42
N LYS B 24 -20.07 9.83 -21.32
CA LYS B 24 -20.28 9.66 -22.75
C LYS B 24 -20.12 8.20 -23.18
N GLU B 25 -19.12 7.53 -22.62
CA GLU B 25 -18.92 6.11 -22.87
C GLU B 25 -20.12 5.29 -22.38
N ALA B 26 -20.64 5.65 -21.21
CA ALA B 26 -21.72 4.87 -20.60
C ALA B 26 -23.06 5.09 -21.29
N LEU B 27 -23.23 6.25 -21.92
CA LEU B 27 -24.52 6.65 -22.46
C LEU B 27 -24.62 6.46 -23.98
N GLY B 28 -23.48 6.47 -24.66
CA GLY B 28 -23.43 6.33 -26.09
C GLY B 28 -23.96 7.54 -26.86
N SER B 29 -24.22 7.32 -28.15
CA SER B 29 -24.56 8.37 -29.10
C SER B 29 -25.97 8.97 -28.94
N GLY B 30 -26.86 8.23 -28.28
CA GLY B 30 -28.23 8.67 -28.08
C GLY B 30 -28.38 9.88 -27.18
N HIS B 31 -27.52 9.99 -26.18
CA HIS B 31 -27.59 11.11 -25.24
C HIS B 31 -26.49 12.14 -25.48
N GLU B 32 -26.84 13.41 -25.33
CA GLU B 32 -25.88 14.51 -25.43
C GLU B 32 -25.08 14.63 -24.12
N VAL B 33 -23.76 14.71 -24.22
CA VAL B 33 -22.93 14.98 -23.05
C VAL B 33 -22.14 16.27 -23.25
N THR B 34 -22.42 17.24 -22.39
CA THR B 34 -21.72 18.53 -22.42
C THR B 34 -20.82 18.72 -21.18
N LEU B 35 -19.58 19.11 -21.46
CA LEU B 35 -18.62 19.46 -20.42
C LEU B 35 -18.37 20.97 -20.45
N ILE B 36 -18.65 21.62 -19.32
CA ILE B 36 -18.47 23.06 -19.16
C ILE B 36 -17.38 23.35 -18.13
N SER B 37 -16.38 24.15 -18.49
CA SER B 37 -15.33 24.52 -17.54
C SER B 37 -14.86 25.95 -17.71
N ALA B 38 -14.48 26.57 -16.59
CA ALA B 38 -13.96 27.93 -16.58
C ALA B 38 -12.76 28.11 -17.51
N ASN B 39 -11.90 27.11 -17.57
CA ASN B 39 -10.71 27.19 -18.40
C ASN B 39 -10.82 26.24 -19.59
N ASP B 40 -10.09 26.55 -20.66
CA ASP B 40 -10.06 25.67 -21.83
C ASP B 40 -8.95 24.64 -21.70
N TYR B 41 -8.28 24.63 -20.56
CA TYR B 41 -7.19 23.69 -20.35
C TYR B 41 -7.37 22.85 -19.09
N PHE B 42 -6.83 21.64 -19.14
CA PHE B 42 -6.72 20.81 -17.97
C PHE B 42 -5.39 21.12 -17.29
N GLN B 43 -5.36 21.02 -15.97
CA GLN B 43 -4.11 21.13 -15.25
C GLN B 43 -4.07 20.04 -14.18
N PHE B 44 -2.92 19.40 -14.07
CA PHE B 44 -2.75 18.36 -13.08
C PHE B 44 -2.32 19.02 -11.75
N VAL B 45 -3.31 19.26 -10.91
CA VAL B 45 -3.17 20.03 -9.68
C VAL B 45 -2.00 19.61 -8.76
N PRO B 46 -1.84 18.31 -8.51
CA PRO B 46 -0.78 17.92 -7.56
C PRO B 46 0.62 18.35 -7.98
N SER B 47 0.79 18.81 -9.21
CA SER B 47 2.12 19.25 -9.65
C SER B 47 2.34 20.74 -9.45
N ASN B 48 1.30 21.45 -9.00
CA ASN B 48 1.43 22.89 -8.84
C ASN B 48 2.54 23.35 -7.88
N PRO B 49 2.73 22.63 -6.76
CA PRO B 49 3.81 23.08 -5.87
C PRO B 49 5.16 23.08 -6.57
N TRP B 50 5.41 22.08 -7.39
CA TRP B 50 6.65 22.07 -8.16
C TRP B 50 6.72 23.24 -9.14
N VAL B 51 5.59 23.63 -9.70
CA VAL B 51 5.58 24.80 -10.56
C VAL B 51 5.93 26.02 -9.72
N GLY B 52 5.43 26.06 -8.49
CA GLY B 52 5.66 27.18 -7.57
C GLY B 52 7.10 27.42 -7.17
N VAL B 53 7.95 26.44 -7.43
CA VAL B 53 9.36 26.56 -7.08
C VAL B 53 10.21 26.46 -8.34
N GLY B 54 9.54 26.44 -9.49
CA GLY B 54 10.22 26.43 -10.77
C GLY B 54 10.80 25.09 -11.17
N TRP B 55 10.39 24.01 -10.50
CA TRP B 55 10.87 22.69 -10.86
C TRP B 55 10.06 22.08 -12.01
N LYS B 56 8.92 22.68 -12.32
CA LYS B 56 8.11 22.30 -13.45
C LYS B 56 7.54 23.55 -14.11
N GLU B 57 7.21 23.44 -15.39
CA GLU B 57 6.65 24.54 -16.15
C GLU B 57 5.17 24.27 -16.44
N ARG B 58 4.38 25.33 -16.58
CA ARG B 58 2.97 25.16 -16.93
C ARG B 58 2.73 24.08 -17.98
N ASP B 59 3.45 24.16 -19.10
CA ASP B 59 3.20 23.25 -20.22
CA ASP B 59 3.18 23.26 -20.21
C ASP B 59 3.65 21.82 -19.96
N ASP B 60 4.15 21.56 -18.76
CA ASP B 60 4.47 20.18 -18.37
C ASP B 60 3.24 19.53 -17.74
N ILE B 61 2.29 20.36 -17.29
CA ILE B 61 1.20 19.85 -16.45
C ILE B 61 -0.17 20.29 -16.89
N ALA B 62 -0.24 21.05 -17.98
CA ALA B 62 -1.52 21.52 -18.53
C ALA B 62 -1.58 21.38 -20.05
N PHE B 63 -2.79 21.20 -20.57
CA PHE B 63 -3.02 21.05 -21.99
C PHE B 63 -4.47 21.43 -22.35
N PRO B 64 -4.68 21.93 -23.59
CA PRO B 64 -6.01 22.26 -24.12
C PRO B 64 -6.96 21.06 -24.10
N ILE B 65 -8.16 21.25 -23.57
CA ILE B 65 -9.14 20.17 -23.45
C ILE B 65 -9.92 19.89 -24.76
N ARG B 66 -10.24 20.94 -25.52
CA ARG B 66 -11.25 20.82 -26.59
C ARG B 66 -11.10 19.64 -27.53
N HIS B 67 -9.99 19.57 -28.24
CA HIS B 67 -9.77 18.50 -29.20
C HIS B 67 -9.96 17.12 -28.59
N TYR B 68 -9.50 16.94 -27.36
CA TYR B 68 -9.51 15.61 -26.75
C TYR B 68 -10.89 15.10 -26.39
N VAL B 69 -11.77 16.00 -25.97
CA VAL B 69 -13.08 15.55 -25.50
C VAL B 69 -14.06 15.52 -26.67
N GLU B 70 -13.87 16.43 -27.63
CA GLU B 70 -14.73 16.45 -28.80
C GLU B 70 -14.56 15.17 -29.63
N ARG B 71 -13.32 14.76 -29.88
CA ARG B 71 -13.07 13.52 -30.60
C ARG B 71 -13.72 12.31 -29.92
N LYS B 72 -14.34 12.53 -28.77
CA LYS B 72 -14.94 11.44 -28.01
C LYS B 72 -16.44 11.59 -27.99
N GLY B 73 -16.94 12.65 -28.62
CA GLY B 73 -18.36 12.85 -28.76
C GLY B 73 -18.92 13.86 -27.78
N ILE B 74 -18.04 14.45 -26.97
CA ILE B 74 -18.45 15.38 -25.92
C ILE B 74 -18.46 16.83 -26.40
N HIS B 75 -19.53 17.55 -26.09
CA HIS B 75 -19.55 18.98 -26.38
C HIS B 75 -18.79 19.70 -25.26
N PHE B 76 -17.89 20.59 -25.63
CA PHE B 76 -17.08 21.31 -24.65
C PHE B 76 -17.35 22.80 -24.71
N ILE B 77 -17.54 23.40 -23.54
CA ILE B 77 -17.73 24.83 -23.46
C ILE B 77 -16.73 25.45 -22.47
N ALA B 78 -15.72 26.14 -23.00
CA ALA B 78 -14.76 26.85 -22.16
C ALA B 78 -15.33 28.15 -21.62
N GLN B 79 -16.24 28.04 -20.65
CA GLN B 79 -16.92 29.19 -20.09
C GLN B 79 -17.21 28.91 -18.62
N SER B 80 -17.12 29.92 -17.77
CA SER B 80 -17.47 29.71 -16.38
C SER B 80 -18.98 29.85 -16.17
N ALA B 81 -19.55 28.97 -15.34
CA ALA B 81 -20.95 29.10 -14.97
C ALA B 81 -21.07 30.18 -13.91
N GLU B 82 -21.94 31.16 -14.17
CA GLU B 82 -22.20 32.26 -13.25
C GLU B 82 -23.40 31.95 -12.36
N GLN B 83 -24.33 31.17 -12.90
CA GLN B 83 -25.53 30.85 -12.16
C GLN B 83 -26.12 29.50 -12.56
N ILE B 84 -26.66 28.80 -11.58
CA ILE B 84 -27.39 27.57 -11.84
C ILE B 84 -28.80 27.77 -11.33
N ASP B 85 -29.76 27.62 -12.24
CA ASP B 85 -31.17 27.72 -11.90
C ASP B 85 -31.72 26.30 -11.89
N ALA B 86 -31.88 25.76 -10.69
CA ALA B 86 -32.17 24.33 -10.55
C ALA B 86 -33.64 23.99 -10.85
N GLU B 87 -34.55 24.93 -10.62
CA GLU B 87 -35.95 24.78 -11.00
C GLU B 87 -36.07 24.66 -12.52
N ALA B 88 -35.50 25.63 -13.23
CA ALA B 88 -35.54 25.68 -14.70
C ALA B 88 -34.51 24.75 -15.33
N GLN B 89 -33.63 24.17 -14.52
CA GLN B 89 -32.58 23.28 -14.99
C GLN B 89 -31.72 23.86 -16.12
N ASN B 90 -31.39 25.14 -16.02
CA ASN B 90 -30.34 25.65 -16.88
C ASN B 90 -29.20 26.38 -16.17
N ILE B 91 -28.07 26.43 -16.86
CA ILE B 91 -26.87 27.04 -16.34
C ILE B 91 -26.55 28.28 -17.17
N THR B 92 -26.44 29.41 -16.50
CA THR B 92 -26.08 30.66 -17.16
C THR B 92 -24.57 30.88 -17.14
N LEU B 93 -23.98 30.99 -18.33
CA LEU B 93 -22.54 31.15 -18.47
C LEU B 93 -22.08 32.60 -18.48
N ALA B 94 -20.77 32.79 -18.42
CA ALA B 94 -20.20 34.13 -18.32
C ALA B 94 -20.64 35.02 -19.47
N ASP B 95 -20.76 34.45 -20.67
CA ASP B 95 -21.13 35.25 -21.85
C ASP B 95 -22.63 35.41 -22.00
N GLY B 96 -23.39 34.92 -21.02
CA GLY B 96 -24.83 35.07 -21.04
C GLY B 96 -25.56 33.94 -21.77
N ASN B 97 -24.83 33.04 -22.44
CA ASN B 97 -25.45 31.84 -22.98
C ASN B 97 -26.01 31.02 -21.83
N THR B 98 -26.94 30.13 -22.15
CA THR B 98 -27.42 29.18 -21.16
C THR B 98 -27.42 27.77 -21.70
N VAL B 99 -27.16 26.81 -20.82
CA VAL B 99 -27.18 25.41 -21.19
C VAL B 99 -28.27 24.75 -20.37
N HIS B 100 -29.15 24.02 -21.05
CA HIS B 100 -30.20 23.28 -20.38
C HIS B 100 -29.73 21.85 -20.09
N TYR B 101 -30.19 21.27 -18.98
CA TYR B 101 -29.79 19.90 -18.67
C TYR B 101 -30.98 19.10 -18.16
N ASP B 102 -30.85 17.79 -18.28
CA ASP B 102 -31.80 16.88 -17.64
C ASP B 102 -31.14 16.32 -16.39
N TYR B 103 -29.86 16.04 -16.50
CA TYR B 103 -29.03 15.70 -15.35
C TYR B 103 -27.80 16.57 -15.37
N LEU B 104 -27.47 17.09 -14.19
CA LEU B 104 -26.28 17.91 -13.97
C LEU B 104 -25.36 17.19 -12.98
N MET B 105 -24.10 17.00 -13.37
CA MET B 105 -23.13 16.53 -12.39
C MET B 105 -22.14 17.64 -12.01
N ILE B 106 -22.15 18.02 -10.74
CA ILE B 106 -21.32 19.15 -10.27
C ILE B 106 -19.94 18.66 -9.84
N ALA B 107 -18.92 19.14 -10.54
CA ALA B 107 -17.54 18.82 -10.20
C ALA B 107 -16.69 20.10 -10.18
N THR B 108 -17.15 21.11 -9.45
CA THR B 108 -16.55 22.44 -9.55
C THR B 108 -15.37 22.69 -8.60
N GLY B 109 -15.01 21.69 -7.80
CA GLY B 109 -13.86 21.82 -6.91
C GLY B 109 -13.98 22.94 -5.89
N PRO B 110 -12.84 23.50 -5.46
CA PRO B 110 -12.89 24.50 -4.39
C PRO B 110 -12.89 25.95 -4.88
N LYS B 111 -13.67 26.78 -4.20
CA LYS B 111 -13.37 28.20 -4.16
C LYS B 111 -12.24 28.44 -3.14
N LEU B 112 -11.18 29.12 -3.56
CA LEU B 112 -10.08 29.47 -2.67
C LEU B 112 -10.48 30.69 -1.82
N ALA B 113 -10.75 30.45 -0.54
CA ALA B 113 -11.34 31.46 0.32
C ALA B 113 -10.34 32.44 0.94
N PHE B 114 -9.58 33.13 0.10
CA PHE B 114 -8.63 34.13 0.55
C PHE B 114 -9.29 35.21 1.39
N GLU B 115 -10.57 35.46 1.17
CA GLU B 115 -11.24 36.57 1.83
C GLU B 115 -11.41 36.30 3.32
N ASN B 116 -11.25 35.04 3.73
CA ASN B 116 -11.26 34.72 5.16
C ASN B 116 -10.16 35.46 5.91
N VAL B 117 -9.06 35.71 5.21
CA VAL B 117 -7.90 36.40 5.76
C VAL B 117 -7.57 37.62 4.93
N PRO B 118 -8.06 38.78 5.36
CA PRO B 118 -7.82 40.07 4.69
C PRO B 118 -6.35 40.25 4.35
N GLY B 119 -6.07 40.61 3.10
CA GLY B 119 -4.69 40.80 2.68
C GLY B 119 -4.02 39.52 2.21
N SER B 120 -4.66 38.36 2.41
CA SER B 120 -4.00 37.11 2.03
C SER B 120 -4.11 36.73 0.54
N ASP B 121 -4.99 37.39 -0.20
CA ASP B 121 -5.10 37.09 -1.63
C ASP B 121 -3.74 37.31 -2.29
N PRO B 122 -3.35 36.40 -3.19
CA PRO B 122 -2.04 36.49 -3.84
C PRO B 122 -1.81 37.80 -4.58
N HIS B 123 -2.90 38.47 -4.99
CA HIS B 123 -2.77 39.72 -5.72
C HIS B 123 -2.67 40.93 -4.82
N GLU B 124 -2.98 40.77 -3.54
CA GLU B 124 -3.01 41.90 -2.66
C GLU B 124 -1.96 41.85 -1.54
N GLY B 125 -0.94 41.02 -1.70
CA GLY B 125 0.07 40.85 -0.67
C GLY B 125 1.17 39.86 -1.03
N PRO B 126 2.11 39.63 -0.11
CA PRO B 126 3.26 38.78 -0.39
C PRO B 126 2.99 37.30 -0.12
N VAL B 127 1.83 36.99 0.44
CA VAL B 127 1.47 35.60 0.71
C VAL B 127 0.84 35.00 -0.54
N GLN B 128 1.59 34.12 -1.20
CA GLN B 128 1.12 33.52 -2.44
C GLN B 128 0.40 32.21 -2.17
N SER B 129 0.11 31.48 -3.24
CA SER B 129 -0.61 30.22 -3.14
C SER B 129 -0.24 29.34 -4.34
N ILE B 130 -0.42 28.04 -4.21
CA ILE B 130 0.00 27.11 -5.25
C ILE B 130 -1.08 26.09 -5.61
N CYS B 131 -2.33 26.41 -5.33
CA CYS B 131 -3.40 25.47 -5.69
C CYS B 131 -3.68 25.42 -7.21
N THR B 132 -3.61 26.57 -7.88
CA THR B 132 -3.79 26.60 -9.33
C THR B 132 -2.48 26.92 -10.02
N VAL B 133 -2.37 26.53 -11.28
CA VAL B 133 -1.13 26.74 -12.00
C VAL B 133 -0.86 28.23 -12.25
N ASP B 134 -1.91 29.04 -12.40
CA ASP B 134 -1.70 30.50 -12.49
C ASP B 134 -1.06 31.04 -11.20
N HIS B 135 -1.67 30.71 -10.06
CA HIS B 135 -1.14 31.18 -8.78
C HIS B 135 0.26 30.64 -8.48
N ALA B 136 0.49 29.37 -8.83
CA ALA B 136 1.80 28.76 -8.62
C ALA B 136 2.84 29.50 -9.44
N GLU B 137 2.48 29.90 -10.65
CA GLU B 137 3.42 30.64 -11.48
C GLU B 137 3.74 32.00 -10.87
N ARG B 138 2.72 32.63 -10.33
CA ARG B 138 2.89 33.90 -9.66
C ARG B 138 3.74 33.66 -8.39
N ALA B 139 3.55 32.53 -7.73
CA ALA B 139 4.37 32.20 -6.56
C ALA B 139 5.84 32.07 -6.95
N PHE B 140 6.12 31.41 -8.06
CA PHE B 140 7.49 31.23 -8.46
C PHE B 140 8.14 32.57 -8.77
N ALA B 141 7.37 33.47 -9.38
CA ALA B 141 7.85 34.81 -9.68
C ALA B 141 8.24 35.55 -8.39
N GLU B 142 7.38 35.48 -7.40
CA GLU B 142 7.68 36.09 -6.12
C GLU B 142 8.89 35.42 -5.45
N TYR B 143 9.05 34.13 -5.68
CA TYR B 143 10.20 33.41 -5.14
C TYR B 143 11.48 33.89 -5.82
N GLN B 144 11.40 34.17 -7.11
CA GLN B 144 12.53 34.76 -7.82
C GLN B 144 12.87 36.16 -7.32
N ALA B 145 11.85 36.89 -6.87
CA ALA B 145 12.07 38.20 -6.29
C ALA B 145 12.76 38.05 -4.93
N LEU B 146 12.43 36.97 -4.22
CA LEU B 146 13.06 36.68 -2.94
C LEU B 146 14.55 36.43 -3.15
N LEU B 147 14.87 35.65 -4.17
CA LEU B 147 16.26 35.35 -4.50
C LEU B 147 17.05 36.65 -4.73
N ARG B 148 16.42 37.62 -5.39
CA ARG B 148 17.10 38.89 -5.64
C ARG B 148 17.27 39.75 -4.38
N GLU B 149 16.30 39.71 -3.47
CA GLU B 149 16.38 40.45 -2.20
C GLU B 149 15.93 39.59 -1.03
N PRO B 150 16.83 38.74 -0.53
CA PRO B 150 16.52 37.78 0.54
C PRO B 150 15.80 38.41 1.72
N GLY B 151 14.84 37.67 2.28
CA GLY B 151 14.04 38.14 3.41
C GLY B 151 13.35 36.96 4.05
N PRO B 152 12.55 37.21 5.10
CA PRO B 152 11.89 36.14 5.85
C PRO B 152 10.88 35.35 4.98
N ILE B 153 10.90 34.03 5.16
CA ILE B 153 9.97 33.13 4.51
C ILE B 153 8.96 32.63 5.53
N VAL B 154 7.70 32.60 5.12
CA VAL B 154 6.65 31.99 5.90
C VAL B 154 5.78 31.12 4.99
N ILE B 155 5.71 29.83 5.29
CA ILE B 155 4.91 28.89 4.51
C ILE B 155 4.03 28.12 5.48
N GLY B 156 2.85 27.70 5.02
CA GLY B 156 1.92 26.99 5.88
C GLY B 156 0.50 26.83 5.37
N ALA B 157 -0.45 26.76 6.31
CA ALA B 157 -1.85 26.52 5.99
C ALA B 157 -2.78 27.31 6.90
N MET B 158 -3.70 28.05 6.28
CA MET B 158 -4.66 28.88 7.00
C MET B 158 -5.56 28.05 7.88
N ALA B 159 -6.24 28.72 8.80
CA ALA B 159 -7.36 28.10 9.48
C ALA B 159 -8.39 27.70 8.41
N GLY B 160 -9.10 26.59 8.64
CA GLY B 160 -10.12 26.10 7.73
C GLY B 160 -9.56 25.27 6.58
N ALA B 161 -8.25 25.27 6.41
CA ALA B 161 -7.64 24.47 5.36
C ALA B 161 -7.92 22.97 5.55
N SER B 162 -7.86 22.24 4.44
CA SER B 162 -8.15 20.82 4.43
C SER B 162 -7.08 20.08 3.64
N CYS B 163 -6.19 20.83 3.02
CA CYS B 163 -5.17 20.24 2.16
CA CYS B 163 -5.17 20.22 2.16
C CYS B 163 -3.76 20.55 2.67
N PHE B 164 -3.32 19.84 3.70
CA PHE B 164 -2.05 20.19 4.38
C PHE B 164 -0.78 19.68 3.73
N GLY B 165 -0.84 18.50 3.14
CA GLY B 165 0.34 17.90 2.54
C GLY B 165 1.16 18.82 1.68
N PRO B 166 0.51 19.56 0.78
CA PRO B 166 1.25 20.41 -0.16
C PRO B 166 1.94 21.56 0.56
N ALA B 167 1.49 21.91 1.76
CA ALA B 167 2.16 22.99 2.50
C ALA B 167 3.52 22.47 2.97
N TYR B 168 3.54 21.24 3.46
CA TYR B 168 4.79 20.60 3.86
C TYR B 168 5.71 20.42 2.67
N GLU B 169 5.17 19.90 1.57
CA GLU B 169 5.94 19.71 0.35
C GLU B 169 6.60 21.01 -0.08
N TYR B 170 5.82 22.07 -0.14
CA TYR B 170 6.30 23.33 -0.65
C TYR B 170 7.40 23.89 0.27
N ALA B 171 7.18 23.81 1.58
CA ALA B 171 8.22 24.26 2.51
C ALA B 171 9.51 23.47 2.26
N MET B 172 9.38 22.15 2.11
CA MET B 172 10.54 21.29 1.93
C MET B 172 11.26 21.58 0.61
N ILE B 173 10.50 21.82 -0.46
CA ILE B 173 11.15 22.01 -1.75
C ILE B 173 11.74 23.40 -1.90
N VAL B 174 11.10 24.39 -1.30
CA VAL B 174 11.70 25.71 -1.26
C VAL B 174 13.03 25.64 -0.50
N ALA B 175 13.04 25.02 0.68
CA ALA B 175 14.29 24.93 1.42
C ALA B 175 15.35 24.25 0.57
N SER B 176 14.94 23.17 -0.10
CA SER B 176 15.87 22.41 -0.92
C SER B 176 16.42 23.23 -2.09
N ASP B 177 15.55 23.95 -2.79
CA ASP B 177 15.97 24.74 -3.94
C ASP B 177 16.91 25.86 -3.48
N LEU B 178 16.61 26.40 -2.32
CA LEU B 178 17.45 27.42 -1.68
C LEU B 178 18.87 26.89 -1.49
N LYS B 179 18.99 25.68 -0.95
CA LYS B 179 20.31 25.08 -0.80
C LYS B 179 20.97 24.86 -2.16
N LYS B 180 20.23 24.34 -3.13
CA LYS B 180 20.85 24.09 -4.43
C LYS B 180 21.41 25.37 -5.03
N ARG B 181 20.75 26.49 -4.76
CA ARG B 181 21.19 27.78 -5.29
C ARG B 181 22.18 28.46 -4.37
N GLY B 182 22.54 27.80 -3.27
CA GLY B 182 23.46 28.36 -2.30
C GLY B 182 22.97 29.68 -1.74
N MET B 183 21.65 29.78 -1.56
CA MET B 183 21.06 31.01 -1.04
C MET B 183 20.37 30.78 0.31
N ARG B 184 20.44 29.56 0.82
CA ARG B 184 19.71 29.19 2.04
C ARG B 184 20.12 30.05 3.24
N ASP B 185 21.40 30.41 3.30
CA ASP B 185 21.92 31.15 4.46
C ASP B 185 21.68 32.65 4.36
N LYS B 186 21.16 33.11 3.24
CA LYS B 186 20.78 34.51 3.10
C LYS B 186 19.39 34.77 3.67
N ILE B 187 18.68 33.70 4.02
CA ILE B 187 17.34 33.83 4.56
C ILE B 187 17.42 34.04 6.08
N PRO B 188 16.89 35.17 6.57
CA PRO B 188 16.94 35.53 7.99
C PRO B 188 16.11 34.60 8.87
N SER B 189 14.95 34.17 8.38
CA SER B 189 14.13 33.19 9.08
C SER B 189 13.18 32.49 8.12
N PHE B 190 12.82 31.27 8.48
CA PHE B 190 12.00 30.41 7.65
C PHE B 190 11.04 29.76 8.64
N THR B 191 9.77 30.17 8.58
CA THR B 191 8.79 29.77 9.59
C THR B 191 7.63 29.01 8.93
N PHE B 192 7.12 28.00 9.63
CA PHE B 192 6.01 27.18 9.14
C PHE B 192 4.85 27.36 10.10
N ILE B 193 3.70 27.77 9.57
CA ILE B 193 2.57 28.14 10.39
C ILE B 193 1.40 27.30 9.97
N THR B 194 0.75 26.65 10.92
CA THR B 194 -0.35 25.78 10.54
C THR B 194 -1.44 25.78 11.59
N SER B 195 -2.66 25.50 11.11
CA SER B 195 -3.82 25.43 11.95
C SER B 195 -4.00 24.03 12.53
N GLU B 196 -3.25 23.07 12.01
CA GLU B 196 -3.20 21.74 12.63
C GLU B 196 -2.87 21.85 14.12
N PRO B 197 -3.49 21.01 14.96
CA PRO B 197 -3.14 21.04 16.39
C PRO B 197 -1.71 20.53 16.63
N TYR B 198 -1.17 19.75 15.70
CA TYR B 198 0.23 19.34 15.78
C TYR B 198 0.79 19.04 14.41
N ILE B 199 2.11 19.04 14.28
CA ILE B 199 2.70 18.76 12.98
C ILE B 199 2.24 17.40 12.47
N GLY B 200 1.77 17.36 11.23
CA GLY B 200 1.41 16.09 10.59
C GLY B 200 0.08 15.54 11.06
N HIS B 201 -0.75 16.42 11.61
CA HIS B 201 -2.12 16.05 11.91
C HIS B 201 -2.87 15.89 10.58
N LEU B 202 -2.53 16.76 9.63
CA LEU B 202 -2.97 16.66 8.26
C LEU B 202 -4.50 16.71 8.09
N GLY B 203 -5.21 17.15 9.11
CA GLY B 203 -6.66 17.23 9.04
C GLY B 203 -7.36 15.92 9.37
N ILE B 204 -6.58 14.86 9.56
CA ILE B 204 -7.14 13.52 9.75
C ILE B 204 -6.61 12.79 11.00
N GLN B 205 -6.17 13.57 11.99
CA GLN B 205 -5.71 13.04 13.27
C GLN B 205 -4.45 12.19 13.14
N GLY B 206 -3.58 12.56 12.21
CA GLY B 206 -2.34 11.85 12.03
C GLY B 206 -2.51 10.55 11.27
N VAL B 207 -1.46 10.15 10.56
CA VAL B 207 -1.43 8.87 9.91
C VAL B 207 -0.01 8.29 10.04
N GLY B 208 0.08 7.07 10.55
CA GLY B 208 1.38 6.48 10.83
C GLY B 208 2.21 7.42 11.69
N ASP B 209 3.46 7.63 11.32
CA ASP B 209 4.31 8.56 12.04
C ASP B 209 4.47 9.86 11.27
N SER B 210 3.38 10.35 10.69
CA SER B 210 3.39 11.64 10.00
C SER B 210 3.96 12.72 10.92
N LYS B 211 3.56 12.68 12.19
CA LYS B 211 4.03 13.72 13.10
C LYS B 211 5.55 13.71 13.19
N GLY B 212 6.10 12.54 13.52
CA GLY B 212 7.52 12.42 13.78
C GLY B 212 8.32 12.69 12.53
N ILE B 213 7.88 12.12 11.42
CA ILE B 213 8.60 12.27 10.16
C ILE B 213 8.61 13.72 9.64
N LEU B 214 7.43 14.35 9.60
CA LEU B 214 7.34 15.73 9.13
C LEU B 214 8.06 16.70 10.09
N THR B 215 7.90 16.48 11.39
CA THR B 215 8.61 17.28 12.40
C THR B 215 10.11 17.25 12.15
N LYS B 216 10.63 16.06 11.89
CA LYS B 216 12.05 15.87 11.63
C LYS B 216 12.47 16.58 10.36
N GLY B 217 11.60 16.56 9.35
CA GLY B 217 11.90 17.18 8.08
C GLY B 217 12.01 18.70 8.23
N LEU B 218 11.08 19.30 8.93
CA LEU B 218 11.13 20.74 9.13
C LEU B 218 12.39 21.09 9.91
N LYS B 219 12.66 20.34 10.97
CA LYS B 219 13.85 20.56 11.78
C LYS B 219 15.12 20.46 10.93
N GLU B 220 15.22 19.42 10.10
CA GLU B 220 16.42 19.27 9.28
C GLU B 220 16.64 20.43 8.32
N GLU B 221 15.56 21.11 7.93
CA GLU B 221 15.69 22.23 7.01
C GLU B 221 15.85 23.59 7.71
N GLY B 222 15.95 23.58 9.04
CA GLY B 222 16.08 24.82 9.79
C GLY B 222 14.80 25.65 9.76
N ILE B 223 13.68 24.95 9.58
CA ILE B 223 12.39 25.61 9.55
C ILE B 223 11.72 25.53 10.91
N GLU B 224 11.31 26.68 11.41
CA GLU B 224 10.71 26.77 12.73
C GLU B 224 9.19 26.70 12.61
N ALA B 225 8.57 25.81 13.37
CA ALA B 225 7.16 25.51 13.14
C ALA B 225 6.25 25.87 14.29
N TYR B 226 5.07 26.41 13.98
CA TYR B 226 4.07 26.70 15.00
C TYR B 226 2.75 26.10 14.59
N THR B 227 2.07 25.51 15.55
CA THR B 227 0.82 24.83 15.30
C THR B 227 -0.25 25.57 16.07
N ASN B 228 -1.49 25.15 15.87
CA ASN B 228 -2.62 25.79 16.53
C ASN B 228 -2.71 27.28 16.22
N CYS B 229 -2.34 27.63 14.99
CA CYS B 229 -2.30 29.01 14.52
C CYS B 229 -3.45 29.39 13.58
N LYS B 230 -3.88 30.64 13.67
CA LYS B 230 -4.74 31.25 12.66
C LYS B 230 -4.17 32.60 12.24
N VAL B 231 -4.15 32.85 10.94
CA VAL B 231 -3.76 34.17 10.44
C VAL B 231 -4.97 35.11 10.43
N THR B 232 -4.85 36.24 11.12
CA THR B 232 -5.97 37.17 11.23
C THR B 232 -6.01 38.12 10.04
N LYS B 233 -4.84 38.46 9.52
CA LYS B 233 -4.75 39.35 8.37
C LYS B 233 -3.30 39.39 7.92
N VAL B 234 -3.10 39.82 6.68
CA VAL B 234 -1.78 40.09 6.11
C VAL B 234 -1.78 41.56 5.72
N GLU B 235 -0.86 42.34 6.28
CA GLU B 235 -0.88 43.79 6.08
C GLU B 235 0.54 44.36 6.12
N ASP B 236 0.84 45.25 5.18
CA ASP B 236 2.16 45.87 5.10
C ASP B 236 3.28 44.85 5.14
N ASN B 237 3.12 43.74 4.42
CA ASN B 237 4.15 42.71 4.36
C ASN B 237 4.44 42.05 5.72
N LYS B 238 3.41 41.97 6.54
CA LYS B 238 3.52 41.34 7.84
C LYS B 238 2.32 40.44 8.00
N MET B 239 2.56 39.24 8.51
CA MET B 239 1.50 38.30 8.76
C MET B 239 1.14 38.38 10.24
N TYR B 240 -0.14 38.58 10.53
CA TYR B 240 -0.59 38.64 11.91
C TYR B 240 -1.18 37.30 12.32
N VAL B 241 -0.52 36.65 13.27
CA VAL B 241 -0.91 35.30 13.65
C VAL B 241 -1.39 35.24 15.10
N THR B 242 -2.48 34.51 15.32
CA THR B 242 -2.94 34.26 16.67
C THR B 242 -2.77 32.78 16.94
N GLN B 243 -2.17 32.44 18.08
CA GLN B 243 -1.99 31.04 18.43
C GLN B 243 -2.80 30.72 19.67
N VAL B 244 -3.47 29.56 19.66
CA VAL B 244 -4.26 29.14 20.81
C VAL B 244 -3.71 27.86 21.43
N ASP B 245 -4.27 27.49 22.57
CA ASP B 245 -3.98 26.22 23.20
C ASP B 245 -5.15 25.27 22.89
N GLU B 246 -5.06 24.02 23.36
CA GLU B 246 -6.05 23.00 23.03
C GLU B 246 -7.48 23.42 23.32
N LYS B 247 -7.67 24.37 24.22
CA LYS B 247 -9.00 24.80 24.62
C LYS B 247 -9.44 26.04 23.85
N GLY B 248 -8.59 26.52 22.96
CA GLY B 248 -8.93 27.68 22.16
C GLY B 248 -8.61 29.04 22.80
N GLU B 249 -8.03 29.04 23.99
CA GLU B 249 -7.59 30.30 24.59
C GLU B 249 -6.33 30.78 23.88
N THR B 250 -6.28 32.05 23.51
CA THR B 250 -5.08 32.54 22.85
C THR B 250 -3.92 32.67 23.85
N ILE B 251 -2.74 32.21 23.45
CA ILE B 251 -1.59 32.17 24.34
C ILE B 251 -0.49 33.04 23.78
N LYS B 252 -0.64 33.44 22.53
CA LYS B 252 0.23 34.44 21.97
C LYS B 252 -0.25 34.97 20.64
N GLU B 253 0.20 36.17 20.30
CA GLU B 253 0.06 36.70 18.97
C GLU B 253 1.45 36.93 18.43
N MET B 254 1.63 36.76 17.14
CA MET B 254 2.91 37.04 16.53
C MET B 254 2.66 37.95 15.37
N VAL B 255 3.68 38.71 15.01
CA VAL B 255 3.64 39.50 13.81
C VAL B 255 4.89 39.11 13.07
N LEU B 256 4.72 38.51 11.90
CA LEU B 256 5.84 38.00 11.14
C LEU B 256 6.06 38.80 9.88
N PRO B 257 7.24 39.41 9.75
CA PRO B 257 7.56 40.06 8.49
C PRO B 257 7.63 38.99 7.43
N VAL B 258 7.08 39.27 6.25
CA VAL B 258 7.13 38.30 5.16
C VAL B 258 7.65 38.96 3.89
N LYS B 259 8.75 38.42 3.37
CA LYS B 259 9.20 38.77 2.02
C LYS B 259 8.64 37.78 0.98
N PHE B 260 8.71 36.49 1.29
CA PHE B 260 8.10 35.44 0.46
C PHE B 260 7.22 34.54 1.33
N GLY B 261 5.98 34.36 0.89
CA GLY B 261 5.03 33.60 1.67
C GLY B 261 4.13 32.72 0.82
N MET B 262 3.64 31.64 1.42
CA MET B 262 2.69 30.74 0.76
C MET B 262 1.87 30.03 1.82
N MET B 263 0.58 30.36 1.88
CA MET B 263 -0.32 29.67 2.81
C MET B 263 -1.47 29.01 2.05
N ILE B 264 -1.70 27.73 2.31
CA ILE B 264 -2.87 27.05 1.76
C ILE B 264 -4.13 27.67 2.34
N PRO B 265 -5.02 28.21 1.47
CA PRO B 265 -6.25 28.81 1.97
C PRO B 265 -7.29 27.75 2.36
N ALA B 266 -8.29 28.16 3.14
CA ALA B 266 -9.46 27.32 3.36
C ALA B 266 -10.22 27.18 2.03
N PHE B 267 -10.96 26.10 1.86
CA PHE B 267 -11.77 25.87 0.65
C PHE B 267 -13.23 26.13 0.96
N LYS B 268 -13.91 26.75 0.02
CA LYS B 268 -15.37 26.88 0.09
C LYS B 268 -15.97 26.39 -1.24
N GLY B 269 -17.28 26.20 -1.30
CA GLY B 269 -17.95 25.87 -2.56
C GLY B 269 -17.95 27.07 -3.50
N VAL B 270 -17.77 26.84 -4.80
CA VAL B 270 -17.78 27.98 -5.73
C VAL B 270 -19.12 28.70 -5.73
N PRO B 271 -19.11 30.00 -6.06
CA PRO B 271 -20.30 30.85 -5.97
C PRO B 271 -21.50 30.35 -6.80
N ALA B 272 -21.27 29.86 -8.02
CA ALA B 272 -22.39 29.42 -8.86
C ALA B 272 -23.15 28.29 -8.19
N VAL B 273 -22.41 27.41 -7.52
CA VAL B 273 -23.00 26.26 -6.84
C VAL B 273 -23.58 26.67 -5.48
N ALA B 274 -22.84 27.47 -4.73
CA ALA B 274 -23.24 27.87 -3.39
C ALA B 274 -24.54 28.68 -3.44
N GLY B 275 -24.72 29.44 -4.51
CA GLY B 275 -25.93 30.23 -4.67
C GLY B 275 -27.20 29.47 -5.03
N VAL B 276 -27.10 28.15 -5.21
CA VAL B 276 -28.32 27.38 -5.46
C VAL B 276 -29.06 27.13 -4.15
N GLU B 277 -30.21 27.77 -3.98
CA GLU B 277 -30.99 27.67 -2.76
C GLU B 277 -31.21 26.22 -2.30
N GLY B 278 -30.78 25.93 -1.07
CA GLY B 278 -31.00 24.62 -0.48
C GLY B 278 -30.12 23.48 -1.00
N LEU B 279 -29.23 23.78 -1.94
CA LEU B 279 -28.31 22.77 -2.48
C LEU B 279 -27.15 22.44 -1.52
N CYS B 280 -26.70 23.43 -0.77
CA CYS B 280 -25.41 23.34 -0.07
C CYS B 280 -25.47 23.58 1.43
N ASN B 281 -24.36 23.29 2.11
CA ASN B 281 -24.22 23.72 3.50
C ASN B 281 -23.71 25.16 3.52
N PRO B 282 -23.56 25.76 4.72
CA PRO B 282 -23.09 27.17 4.78
C PRO B 282 -21.73 27.41 4.13
N GLY B 283 -20.91 26.37 4.00
CA GLY B 283 -19.61 26.52 3.33
C GLY B 283 -19.74 26.47 1.80
N GLY B 284 -20.93 26.09 1.31
CA GLY B 284 -21.19 26.02 -0.11
C GLY B 284 -20.85 24.66 -0.72
N PHE B 285 -20.78 23.65 0.14
CA PHE B 285 -20.51 22.30 -0.35
C PHE B 285 -21.84 21.57 -0.55
N VAL B 286 -21.92 20.81 -1.63
CA VAL B 286 -23.17 20.18 -2.02
C VAL B 286 -23.57 19.03 -1.10
N LEU B 287 -24.75 19.15 -0.50
CA LEU B 287 -25.30 18.09 0.33
C LEU B 287 -25.78 16.92 -0.54
N VAL B 288 -25.02 15.81 -0.51
CA VAL B 288 -25.41 14.63 -1.27
C VAL B 288 -25.68 13.44 -0.36
N ASP B 289 -26.37 12.44 -0.90
CA ASP B 289 -26.55 11.17 -0.22
C ASP B 289 -25.43 10.24 -0.63
N GLU B 290 -25.50 8.99 -0.20
CA GLU B 290 -24.42 8.04 -0.45
C GLU B 290 -24.30 7.66 -1.93
N HIS B 291 -25.27 8.11 -2.73
CA HIS B 291 -25.25 7.85 -4.17
C HIS B 291 -24.77 9.05 -4.99
N GLN B 292 -24.21 10.03 -4.29
CA GLN B 292 -23.68 11.25 -4.91
C GLN B 292 -24.80 12.11 -5.46
N ARG B 293 -26.05 11.78 -5.13
CA ARG B 293 -27.17 12.56 -5.61
C ARG B 293 -27.53 13.66 -4.62
N SER B 294 -27.75 14.86 -5.14
CA SER B 294 -28.20 15.97 -4.32
C SER B 294 -29.40 15.58 -3.47
N LYS B 295 -29.39 15.99 -2.21
CA LYS B 295 -30.52 15.73 -1.33
C LYS B 295 -31.72 16.60 -1.65
N LYS B 296 -31.51 17.74 -2.29
CA LYS B 296 -32.63 18.60 -2.67
C LYS B 296 -33.15 18.39 -4.08
N TYR B 297 -32.25 18.18 -5.05
CA TYR B 297 -32.66 17.98 -6.45
C TYR B 297 -32.22 16.63 -6.98
N ALA B 298 -33.21 15.79 -7.26
CA ALA B 298 -32.97 14.42 -7.71
C ALA B 298 -32.20 14.33 -9.01
N ASN B 299 -32.16 15.42 -9.78
CA ASN B 299 -31.44 15.40 -11.06
C ASN B 299 -30.09 16.12 -11.04
N ILE B 300 -29.64 16.51 -9.85
CA ILE B 300 -28.31 17.07 -9.69
C ILE B 300 -27.42 16.12 -8.88
N PHE B 301 -26.30 15.71 -9.45
CA PHE B 301 -25.31 14.94 -8.72
C PHE B 301 -24.05 15.79 -8.50
N ALA B 302 -23.14 15.29 -7.66
CA ALA B 302 -21.92 16.02 -7.35
C ALA B 302 -20.80 15.05 -7.00
N ALA B 303 -19.57 15.43 -7.38
CA ALA B 303 -18.40 14.64 -7.04
C ALA B 303 -17.20 15.53 -6.77
N GLY B 304 -16.21 14.98 -6.05
CA GLY B 304 -14.97 15.70 -5.81
C GLY B 304 -15.08 16.61 -4.60
N ILE B 305 -14.18 17.60 -4.56
CA ILE B 305 -14.12 18.56 -3.46
C ILE B 305 -15.45 19.29 -3.23
N ALA B 306 -16.25 19.44 -4.30
CA ALA B 306 -17.51 20.20 -4.24
C ALA B 306 -18.57 19.61 -3.32
N ILE B 307 -18.47 18.31 -3.00
CA ILE B 307 -19.45 17.72 -2.09
C ILE B 307 -19.13 17.96 -0.61
N ALA B 308 -20.17 17.89 0.21
CA ALA B 308 -20.02 18.05 1.64
C ALA B 308 -19.72 16.73 2.32
N ILE B 309 -18.69 16.71 3.17
CA ILE B 309 -18.43 15.57 4.02
C ILE B 309 -18.31 16.06 5.45
N PRO B 310 -19.27 15.67 6.30
CA PRO B 310 -19.32 16.11 7.70
C PRO B 310 -18.01 15.78 8.43
N PRO B 311 -17.57 16.70 9.29
CA PRO B 311 -16.39 16.44 10.12
C PRO B 311 -16.69 15.25 11.04
N VAL B 312 -15.66 14.50 11.43
CA VAL B 312 -15.80 13.44 12.42
C VAL B 312 -15.10 13.83 13.71
N GLU B 313 -14.46 14.99 13.67
CA GLU B 313 -13.74 15.51 14.82
C GLU B 313 -13.61 17.01 14.67
N THR B 314 -13.23 17.68 15.74
CA THR B 314 -13.04 19.12 15.72
C THR B 314 -11.65 19.45 16.28
N THR B 315 -11.07 20.56 15.86
CA THR B 315 -9.73 20.95 16.30
C THR B 315 -9.74 22.37 16.85
N PRO B 316 -8.78 22.69 17.75
CA PRO B 316 -8.75 24.01 18.40
C PRO B 316 -8.85 25.14 17.40
N VAL B 317 -8.06 25.09 16.34
CA VAL B 317 -8.29 25.95 15.19
C VAL B 317 -9.02 25.14 14.13
N PRO B 318 -10.07 25.71 13.53
CA PRO B 318 -10.79 24.94 12.51
C PRO B 318 -9.86 24.38 11.44
N THR B 319 -10.06 23.11 11.10
CA THR B 319 -9.34 22.47 10.01
C THR B 319 -10.32 21.55 9.29
N GLY B 320 -9.96 21.08 8.10
CA GLY B 320 -10.81 20.14 7.40
C GLY B 320 -10.05 18.90 6.95
N ALA B 321 -10.79 17.88 6.57
CA ALA B 321 -10.19 16.65 6.07
C ALA B 321 -10.15 16.73 4.55
N PRO B 322 -9.04 16.27 3.95
CA PRO B 322 -8.84 16.40 2.51
C PRO B 322 -9.73 15.43 1.72
N LYS B 323 -10.10 15.83 0.50
CA LYS B 323 -10.82 14.94 -0.42
C LYS B 323 -9.85 14.67 -1.55
N THR B 324 -9.39 13.43 -1.64
CA THR B 324 -8.27 13.15 -2.53
C THR B 324 -8.67 12.25 -3.70
N GLY B 325 -7.71 12.05 -4.60
CA GLY B 325 -7.98 11.53 -5.93
C GLY B 325 -8.75 10.23 -6.01
N TYR B 326 -8.27 9.21 -5.31
CA TYR B 326 -8.92 7.93 -5.39
C TYR B 326 -10.39 8.03 -4.96
N MET B 327 -10.64 8.72 -3.86
CA MET B 327 -12.01 8.82 -3.37
C MET B 327 -12.85 9.66 -4.34
N ILE B 328 -12.21 10.63 -4.98
CA ILE B 328 -12.89 11.46 -5.94
C ILE B 328 -13.32 10.62 -7.14
N GLU B 329 -12.43 9.77 -7.64
CA GLU B 329 -12.77 8.96 -8.79
C GLU B 329 -13.87 7.97 -8.43
N SER B 330 -13.88 7.49 -7.20
CA SER B 330 -15.00 6.66 -6.74
C SER B 330 -16.32 7.40 -6.80
N MET B 331 -16.29 8.68 -6.44
CA MET B 331 -17.51 9.46 -6.43
C MET B 331 -18.04 9.63 -7.85
N VAL B 332 -17.13 9.91 -8.78
CA VAL B 332 -17.47 10.13 -10.17
C VAL B 332 -18.13 8.89 -10.73
N SER B 333 -17.44 7.77 -10.61
CA SER B 333 -17.96 6.49 -11.08
C SER B 333 -19.37 6.19 -10.55
N ALA B 334 -19.57 6.37 -9.25
CA ALA B 334 -20.90 6.11 -8.69
C ALA B 334 -21.91 7.06 -9.30
N ALA B 335 -21.50 8.31 -9.50
CA ALA B 335 -22.44 9.29 -10.03
C ALA B 335 -22.82 8.96 -11.47
N VAL B 336 -21.83 8.57 -12.28
CA VAL B 336 -22.04 8.26 -13.67
C VAL B 336 -23.00 7.08 -13.74
N HIS B 337 -22.67 6.02 -13.01
CA HIS B 337 -23.50 4.85 -12.93
C HIS B 337 -24.94 5.17 -12.51
N ASN B 338 -25.09 5.91 -11.42
CA ASN B 338 -26.43 6.21 -10.92
C ASN B 338 -27.23 7.11 -11.85
N ILE B 339 -26.53 7.91 -12.66
CA ILE B 339 -27.24 8.74 -13.63
C ILE B 339 -27.73 7.86 -14.79
N LYS B 340 -26.87 6.96 -15.26
CA LYS B 340 -27.24 6.01 -16.28
C LYS B 340 -28.48 5.25 -15.82
N ALA B 341 -28.43 4.72 -14.61
CA ALA B 341 -29.58 4.05 -14.03
C ALA B 341 -30.86 4.87 -14.11
N ASP B 342 -30.82 6.11 -13.63
CA ASP B 342 -31.98 7.00 -13.71
C ASP B 342 -32.55 7.10 -15.12
N LEU B 343 -31.67 7.16 -16.12
CA LEU B 343 -32.08 7.26 -17.52
C LEU B 343 -32.76 5.99 -18.00
N GLU B 344 -32.61 4.92 -17.23
CA GLU B 344 -33.15 3.61 -17.57
C GLU B 344 -34.20 3.19 -16.56
N GLY B 345 -34.88 4.16 -15.96
CA GLY B 345 -35.95 3.89 -15.01
C GLY B 345 -35.58 3.09 -13.78
N ARG B 346 -34.30 3.03 -13.43
CA ARG B 346 -33.86 2.35 -12.20
C ARG B 346 -33.33 3.36 -11.19
N LYS B 347 -33.35 2.99 -9.92
CA LYS B 347 -32.59 3.75 -8.93
C LYS B 347 -31.18 3.17 -8.86
N GLY B 348 -30.19 4.04 -9.04
CA GLY B 348 -28.81 3.63 -8.93
C GLY B 348 -28.45 3.40 -7.47
N GLU B 349 -27.75 2.31 -7.20
CA GLU B 349 -27.46 1.96 -5.82
C GLU B 349 -25.96 2.07 -5.54
N GLN B 350 -25.18 2.45 -6.56
CA GLN B 350 -23.74 2.55 -6.37
C GLN B 350 -23.35 3.68 -5.42
N THR B 351 -22.39 3.40 -4.55
CA THR B 351 -21.93 4.40 -3.59
C THR B 351 -20.47 4.74 -3.81
N MET B 352 -20.03 5.76 -3.09
CA MET B 352 -18.66 6.23 -3.11
C MET B 352 -17.72 5.17 -2.57
N GLY B 353 -18.20 4.46 -1.56
CA GLY B 353 -17.39 3.49 -0.85
C GLY B 353 -16.89 4.04 0.47
N THR B 354 -15.84 3.42 0.99
CA THR B 354 -15.30 3.81 2.28
C THR B 354 -14.46 5.08 2.15
N TRP B 355 -14.71 6.04 3.02
CA TRP B 355 -13.87 7.23 3.06
C TRP B 355 -12.40 6.82 3.11
N ASN B 356 -11.56 7.52 2.38
CA ASN B 356 -10.14 7.27 2.46
C ASN B 356 -9.40 8.52 2.01
N ALA B 357 -8.14 8.63 2.45
CA ALA B 357 -7.29 9.68 1.95
C ALA B 357 -5.99 9.06 1.47
N VAL B 358 -5.53 9.52 0.30
CA VAL B 358 -4.29 9.07 -0.29
C VAL B 358 -3.56 10.31 -0.80
N CYS B 359 -2.30 10.49 -0.40
CA CYS B 359 -1.54 11.65 -0.83
C CYS B 359 -0.10 11.29 -1.09
N PHE B 360 0.45 11.83 -2.17
CA PHE B 360 1.86 11.63 -2.48
C PHE B 360 2.50 12.99 -2.57
N ALA B 361 3.54 13.19 -1.77
CA ALA B 361 4.29 14.44 -1.78
C ALA B 361 5.72 14.16 -2.24
N ASP B 362 6.11 14.79 -3.35
CA ASP B 362 7.44 14.61 -3.87
C ASP B 362 8.32 15.79 -3.46
N MET B 363 9.44 15.50 -2.82
CA MET B 363 10.37 16.54 -2.36
C MET B 363 11.63 16.59 -3.21
N GLY B 364 11.69 15.80 -4.27
CA GLY B 364 12.85 15.83 -5.15
C GLY B 364 13.20 14.48 -5.74
N ASP B 365 13.97 13.70 -5.00
CA ASP B 365 14.32 12.34 -5.41
C ASP B 365 13.74 11.38 -4.40
N ARG B 366 12.98 11.94 -3.47
CA ARG B 366 12.34 11.18 -2.41
C ARG B 366 11.11 11.94 -1.94
N GLY B 367 10.18 11.23 -1.31
CA GLY B 367 8.96 11.86 -0.89
C GLY B 367 8.25 11.11 0.22
N ALA B 368 7.06 11.59 0.54
CA ALA B 368 6.22 11.01 1.57
C ALA B 368 4.87 10.72 0.96
N ALA B 369 4.31 9.58 1.30
CA ALA B 369 2.96 9.24 0.86
C ALA B 369 2.24 8.63 2.04
N PHE B 370 0.93 8.78 2.05
CA PHE B 370 0.15 8.13 3.08
C PHE B 370 -1.17 7.63 2.55
N ILE B 371 -1.72 6.63 3.24
CA ILE B 371 -3.02 6.07 2.97
C ILE B 371 -3.72 5.90 4.31
N ALA B 372 -4.91 6.45 4.43
CA ALA B 372 -5.67 6.33 5.66
C ALA B 372 -7.12 6.02 5.34
N LEU B 373 -7.65 5.01 6.03
CA LEU B 373 -9.07 4.68 5.89
C LEU B 373 -9.49 3.73 7.00
N PRO B 374 -10.72 3.91 7.50
CA PRO B 374 -11.57 5.02 7.04
C PRO B 374 -11.19 6.28 7.83
N GLN B 375 -12.13 7.22 8.00
CA GLN B 375 -11.78 8.52 8.53
C GLN B 375 -11.53 8.51 10.03
N LEU B 376 -12.38 7.80 10.77
CA LEU B 376 -12.24 7.70 12.22
C LEU B 376 -11.34 6.53 12.56
N LYS B 377 -10.47 6.70 13.55
CA LYS B 377 -9.69 5.58 14.08
C LYS B 377 -10.59 4.75 14.98
N PRO B 378 -10.31 3.44 15.10
CA PRO B 378 -9.16 2.72 14.56
C PRO B 378 -9.28 2.46 13.07
N ARG B 379 -8.17 2.60 12.35
CA ARG B 379 -8.21 2.47 10.90
C ARG B 379 -7.87 1.06 10.42
N LYS B 380 -8.31 0.75 9.21
CA LYS B 380 -7.98 -0.51 8.57
C LYS B 380 -6.68 -0.38 7.79
N VAL B 381 -6.37 0.85 7.37
CA VAL B 381 -5.07 1.14 6.81
C VAL B 381 -4.64 2.50 7.33
N ASP B 382 -3.40 2.61 7.77
CA ASP B 382 -2.94 3.86 8.36
C ASP B 382 -1.45 3.99 8.13
N VAL B 383 -1.06 4.20 6.88
CA VAL B 383 0.34 4.17 6.50
C VAL B 383 0.88 5.54 6.10
N PHE B 384 2.02 5.90 6.67
CA PHE B 384 2.77 7.06 6.22
C PHE B 384 4.16 6.57 5.87
N ALA B 385 4.56 6.74 4.62
CA ALA B 385 5.82 6.21 4.14
C ALA B 385 6.70 7.29 3.56
N TYR B 386 8.00 7.20 3.79
CA TYR B 386 8.93 8.15 3.24
C TYR B 386 10.01 7.40 2.50
N GLY B 387 10.34 7.84 1.29
CA GLY B 387 11.44 7.23 0.57
C GLY B 387 11.55 7.62 -0.88
N ARG B 388 12.60 7.12 -1.53
CA ARG B 388 12.83 7.38 -2.95
C ARG B 388 11.71 6.89 -3.85
N TRP B 389 11.11 5.76 -3.51
CA TRP B 389 10.09 5.16 -4.38
C TRP B 389 8.91 6.11 -4.56
N VAL B 390 8.63 6.91 -3.54
CA VAL B 390 7.54 7.87 -3.61
C VAL B 390 7.74 8.84 -4.79
N HIS B 391 8.96 9.31 -4.98
CA HIS B 391 9.24 10.14 -6.15
C HIS B 391 8.92 9.40 -7.46
N LEU B 392 9.42 8.17 -7.62
CA LEU B 392 9.14 7.41 -8.84
C LEU B 392 7.65 7.24 -9.06
N ALA B 393 6.93 7.01 -7.97
CA ALA B 393 5.51 6.72 -8.06
C ALA B 393 4.76 7.96 -8.52
N LYS B 394 5.13 9.10 -7.93
CA LYS B 394 4.54 10.38 -8.25
C LYS B 394 4.69 10.67 -9.74
N VAL B 395 5.92 10.53 -10.23
CA VAL B 395 6.23 10.74 -11.64
C VAL B 395 5.45 9.80 -12.54
N ALA B 396 5.37 8.54 -12.17
CA ALA B 396 4.67 7.58 -13.01
C ALA B 396 3.18 7.94 -13.08
N PHE B 397 2.60 8.26 -11.94
CA PHE B 397 1.17 8.52 -11.89
C PHE B 397 0.77 9.77 -12.68
N GLU B 398 1.52 10.85 -12.54
CA GLU B 398 1.27 12.06 -13.31
C GLU B 398 1.29 11.74 -14.81
N LYS B 399 2.34 11.03 -15.22
CA LYS B 399 2.55 10.70 -16.62
C LYS B 399 1.37 9.91 -17.14
N TYR B 400 0.88 9.02 -16.28
CA TYR B 400 -0.26 8.19 -16.59
C TYR B 400 -1.57 8.98 -16.65
N PHE B 401 -1.84 9.75 -15.59
CA PHE B 401 -3.09 10.49 -15.52
C PHE B 401 -3.25 11.41 -16.72
N ILE B 402 -2.19 12.16 -17.03
CA ILE B 402 -2.21 13.10 -18.14
C ILE B 402 -2.50 12.38 -19.46
N ARG B 403 -1.86 11.23 -19.66
CA ARG B 403 -2.05 10.45 -20.87
C ARG B 403 -3.49 9.99 -20.99
N LYS B 404 -4.08 9.59 -19.86
CA LYS B 404 -5.46 9.14 -19.85
C LYS B 404 -6.44 10.28 -20.15
N MET B 405 -6.16 11.46 -19.62
CA MET B 405 -7.04 12.60 -19.89
C MET B 405 -6.98 12.98 -21.36
N LYS B 406 -5.89 12.63 -22.02
CA LYS B 406 -5.75 12.88 -23.45
C LYS B 406 -6.41 11.78 -24.27
N MET B 407 -6.27 10.53 -23.84
CA MET B 407 -6.77 9.38 -24.60
C MET B 407 -8.26 9.11 -24.36
N GLY B 408 -8.76 9.50 -23.20
CA GLY B 408 -10.11 9.14 -22.80
C GLY B 408 -10.09 8.06 -21.73
N VAL B 409 -11.19 7.92 -21.03
CA VAL B 409 -11.28 7.02 -19.89
C VAL B 409 -12.65 6.31 -19.80
N SER B 410 -12.68 5.16 -19.14
CA SER B 410 -13.93 4.41 -18.96
C SER B 410 -14.19 4.15 -17.48
N GLU B 411 -15.29 3.47 -17.18
CA GLU B 411 -15.73 3.23 -15.80
C GLU B 411 -14.67 2.65 -14.85
N PRO B 412 -13.94 1.59 -15.29
CA PRO B 412 -12.94 0.95 -14.42
C PRO B 412 -11.74 1.85 -14.07
N PHE B 413 -11.72 3.06 -14.62
CA PHE B 413 -10.61 3.99 -14.39
C PHE B 413 -10.22 4.10 -12.92
N TYR B 414 -11.21 4.22 -12.05
CA TYR B 414 -10.94 4.54 -10.64
C TYR B 414 -10.18 3.46 -9.88
N GLU B 415 -10.25 2.22 -10.36
CA GLU B 415 -9.45 1.14 -9.80
C GLU B 415 -8.07 1.16 -10.43
N LYS B 416 -7.96 1.85 -11.57
CA LYS B 416 -6.68 2.09 -12.21
C LYS B 416 -5.94 3.20 -11.46
N VAL B 417 -6.69 4.22 -11.06
CA VAL B 417 -6.14 5.31 -10.27
C VAL B 417 -5.52 4.79 -8.99
N LEU B 418 -6.12 3.75 -8.41
CA LEU B 418 -5.64 3.18 -7.16
C LEU B 418 -4.29 2.49 -7.33
N PHE B 419 -4.20 1.58 -8.31
CA PHE B 419 -3.00 0.77 -8.50
C PHE B 419 -1.89 1.53 -9.22
N LYS B 420 -2.23 2.70 -9.76
CA LYS B 420 -1.26 3.52 -10.46
C LYS B 420 -0.68 4.60 -9.55
N MET B 421 -1.47 5.06 -8.59
CA MET B 421 -1.02 6.05 -7.62
C MET B 421 0.18 5.49 -6.86
N MET B 422 0.15 4.19 -6.60
CA MET B 422 1.32 3.48 -6.11
C MET B 422 2.32 3.31 -7.26
N GLY B 423 2.50 2.08 -7.74
CA GLY B 423 3.30 1.88 -8.92
C GLY B 423 3.90 0.50 -9.05
N ILE B 424 3.18 -0.42 -9.70
CA ILE B 424 1.86 -0.16 -10.28
C ILE B 424 1.08 -1.47 -10.30
N THR B 425 0.19 -1.63 -11.28
CA THR B 425 -0.19 -2.96 -11.75
C THR B 425 0.61 -3.15 -13.03
N ARG B 426 1.01 -2.02 -13.62
CA ARG B 426 1.93 -2.02 -14.76
C ARG B 426 3.27 -2.60 -14.34
N LEU B 427 3.85 -2.04 -13.29
CA LEU B 427 5.03 -2.65 -12.67
C LEU B 427 4.60 -3.40 -11.41
N LYS B 428 4.68 -4.72 -11.51
CA LYS B 428 3.89 -5.66 -10.75
C LYS B 428 3.57 -6.66 -11.85
N GLU B 429 3.48 -6.13 -13.06
CA GLU B 429 3.21 -6.88 -14.28
C GLU B 429 1.81 -7.50 -14.28
N GLU B 430 0.80 -6.67 -14.48
CA GLU B 430 -0.57 -7.12 -14.68
C GLU B 430 -1.08 -7.96 -13.50
PA FAD C . 3.86 -24.73 1.77
O1A FAD C . 4.86 -25.15 3.02
O2A FAD C . 2.71 -23.81 2.05
O5B FAD C . 3.16 -26.09 1.13
C5B FAD C . 4.05 -27.07 0.67
C4B FAD C . 3.29 -28.37 0.79
O4B FAD C . 3.72 -29.47 -0.08
C3B FAD C . 2.88 -28.95 2.15
O3B FAD C . 1.51 -29.08 2.41
C2B FAD C . 3.69 -30.19 2.20
O2B FAD C . 3.44 -31.09 3.25
C1B FAD C . 3.80 -30.66 0.75
N9A FAD C . 4.86 -31.64 0.57
C8A FAD C . 6.20 -31.40 0.70
N7A FAD C . 6.87 -32.55 0.23
C5A FAD C . 5.89 -33.48 -0.20
C6A FAD C . 5.98 -34.78 -0.74
N6A FAD C . 7.28 -35.38 -0.98
N1A FAD C . 4.86 -35.44 -1.06
C2A FAD C . 3.60 -34.85 -0.87
N3A FAD C . 3.50 -33.58 -0.34
C4A FAD C . 4.65 -32.92 -0.01
N1 FAD C . 4.26 -15.18 3.36
C2 FAD C . 3.49 -13.97 3.24
O2 FAD C . 3.13 -13.55 1.94
N3 FAD C . 3.07 -13.27 4.40
C4 FAD C . 3.40 -13.77 5.71
O4 FAD C . 3.00 -13.10 6.86
C4X FAD C . 4.17 -15.03 5.84
N5 FAD C . 4.52 -15.56 7.16
C5X FAD C . 5.27 -16.78 7.22
C6 FAD C . 5.62 -17.35 8.52
C7 FAD C . 6.37 -18.58 8.59
C7M FAD C . 6.70 -19.15 9.97
C8 FAD C . 6.77 -19.24 7.43
C8M FAD C . 7.56 -20.56 7.49
C9 FAD C . 6.43 -18.69 6.13
C9A FAD C . 5.67 -17.45 6.06
N10 FAD C . 5.34 -16.90 4.79
C10 FAD C . 4.58 -15.69 4.71
C1' FAD C . 6.01 -17.33 3.54
C2' FAD C . 5.12 -18.23 2.67
O2' FAD C . 4.20 -17.72 2.10
C3' FAD C . 4.90 -19.64 3.28
O3' FAD C . 6.09 -20.27 3.62
C4' FAD C . 3.99 -20.52 2.38
O4' FAD C . 3.21 -21.49 3.02
C5' FAD C . 4.78 -21.05 1.16
O5' FAD C . 3.87 -21.58 0.21
P FAD C . 4.26 -23.04 -0.53
O1P FAD C . 2.91 -23.58 -1.29
O2P FAD C . 5.39 -22.78 -1.50
O3P FAD C . 4.84 -24.11 0.59
C1 BU2 D . 0.22 -10.78 4.43
O1 BU2 D . 1.46 -11.08 3.83
C2 BU2 D . -0.75 -11.91 4.83
C3 BU2 D . -0.26 -13.05 5.80
O3 BU2 D . -1.08 -13.23 6.93
C4 BU2 D . 0.00 -14.38 5.06
S SO4 E . -14.61 -13.22 -2.27
O1 SO4 E . -13.41 -13.80 -2.88
O2 SO4 E . -15.40 -12.56 -3.31
O3 SO4 E . -15.40 -14.26 -1.63
O4 SO4 E . -14.20 -12.23 -1.28
S SO4 F . -1.14 -16.94 -23.95
O1 SO4 F . -1.01 -18.06 -24.88
O2 SO4 F . -2.53 -16.52 -23.87
O3 SO4 F . -0.67 -17.38 -22.62
O4 SO4 F . -0.33 -15.82 -24.40
S SO4 G . -11.44 -16.44 -6.55
O1 SO4 G . -11.78 -15.82 -7.84
O2 SO4 G . -12.61 -17.10 -6.00
O3 SO4 G . -10.38 -17.42 -6.77
O4 SO4 G . -10.98 -15.42 -5.63
S SO4 H . 23.04 -4.41 2.07
O1 SO4 H . 23.35 -4.21 0.65
O2 SO4 H . 21.80 -3.70 2.41
O3 SO4 H . 22.93 -5.84 2.34
O4 SO4 H . 24.13 -3.86 2.88
S SO4 I . -5.06 -41.36 0.51
O1 SO4 I . -6.03 -40.27 0.46
O2 SO4 I . -5.30 -42.28 -0.62
O3 SO4 I . -3.71 -40.81 0.44
O4 SO4 I . -5.19 -42.08 1.79
S H2S J . 9.39 -25.82 11.70
S3 S3H K . 6.65 -12.98 6.07
S2 S3H K . 8.58 -13.55 5.56
S1 S3H K . 8.77 -15.56 5.21
S H2S L . 5.97 -12.62 9.64
S H2S M . 6.98 -12.92 5.33
S H2S N . 9.30 -15.56 4.52
S H2S O . 10.15 -12.02 6.06
C1 BU2 P . -1.56 10.01 -5.35
O1 BU2 P . -2.15 10.67 -4.25
C2 BU2 P . -1.46 10.77 -6.70
C3 BU2 P . -0.48 11.98 -6.81
O3 BU2 P . 0.85 11.62 -7.13
C4 BU2 P . -1.00 13.13 -7.70
PA FAD Q . -10.57 20.46 -9.42
O1A FAD Q . -9.94 21.87 -8.85
O2A FAD Q . -9.57 19.44 -9.90
O5B FAD Q . -11.62 20.73 -10.67
C5B FAD Q . -12.55 21.76 -10.46
C4B FAD Q . -12.84 22.34 -11.85
O4B FAD Q . -14.14 22.95 -12.04
C3B FAD Q . -11.81 23.24 -12.51
O3B FAD Q . -11.26 22.82 -13.72
C2B FAD Q . -12.45 24.58 -12.46
O2B FAD Q . -11.80 25.60 -13.15
C1B FAD Q . -13.94 24.30 -12.53
N9A FAD Q . -14.77 25.42 -12.12
C8A FAD Q . -14.77 26.00 -10.88
N7A FAD Q . -15.85 26.90 -10.84
C5A FAD Q . -16.52 26.83 -12.09
C6A FAD Q . -17.64 27.52 -12.61
N6A FAD Q . -18.34 28.49 -11.78
N1A FAD Q . -18.08 27.25 -13.86
C2A FAD Q . -17.41 26.32 -14.66
N3A FAD Q . -16.30 25.64 -14.16
C4A FAD Q . -15.87 25.93 -12.88
N1 FAD Q . -5.06 14.61 -4.21
C2 FAD Q . -4.44 13.30 -4.24
O2 FAD Q . -5.28 12.18 -4.31
N3 FAD Q . -3.02 13.20 -4.25
C4 FAD Q . -2.21 14.38 -4.25
O4 FAD Q . -0.81 14.32 -4.28
C4X FAD Q . -2.84 15.71 -4.24
N5 FAD Q . -2.04 16.92 -4.26
C5X FAD Q . -2.69 18.19 -4.25
C6 FAD Q . -1.88 19.39 -4.27
C7 FAD Q . -2.53 20.67 -4.26
C7M FAD Q . -1.66 21.93 -4.29
C8 FAD Q . -3.94 20.78 -4.23
C8M FAD Q . -4.63 22.17 -4.28
C9 FAD Q . -4.75 19.58 -4.20
C9A FAD Q . -4.08 18.28 -4.21
N10 FAD Q . -4.86 17.07 -4.17
C10 FAD Q . -4.21 15.80 -4.21
C1' FAD Q . -6.28 17.06 -3.77
C2' FAD Q . -7.21 16.84 -4.99
O2' FAD Q . -7.31 15.75 -5.45
C3' FAD Q . -7.27 18.07 -5.95
O3' FAD Q . -7.57 19.25 -5.28
C4' FAD Q . -8.19 17.84 -7.18
O4' FAD Q . -7.85 18.61 -8.29
C5' FAD Q . -9.67 18.02 -6.76
O5' FAD Q . -10.57 17.38 -7.66
P FAD Q . -11.89 18.24 -8.19
O1P FAD Q . -12.36 17.64 -9.65
O2P FAD Q . -12.99 18.13 -7.16
O3P FAD Q . -11.56 19.85 -8.23
S SO4 R . -3.72 2.08 -19.53
O1 SO4 R . -3.42 0.97 -20.43
O2 SO4 R . -4.89 1.77 -18.72
O3 SO4 R . -2.57 2.31 -18.66
O4 SO4 R . -3.98 3.27 -20.33
S SO4 S . -11.68 28.16 -26.46
O1 SO4 S . -11.54 26.75 -26.08
O2 SO4 S . -12.15 28.23 -27.85
O3 SO4 S . -12.63 28.83 -25.59
O4 SO4 S . -10.38 28.82 -26.37
S SO4 T . -27.57 -0.57 -9.50
O1 SO4 T . -27.11 -1.42 -10.60
O2 SO4 T . -28.52 0.40 -10.00
O3 SO4 T . -28.22 -1.41 -8.49
O4 SO4 T . -26.43 0.12 -8.90
S SO4 U . -6.31 14.41 17.54
O1 SO4 U . -5.57 13.23 17.07
O2 SO4 U . -7.71 14.07 17.77
O3 SO4 U . -5.72 14.88 18.79
O4 SO4 U . -6.22 15.49 16.57
S SO4 V . -9.72 3.57 -18.49
O1 SO4 V . -9.41 4.09 -19.82
O2 SO4 V . -10.57 4.53 -17.78
O3 SO4 V . -10.43 2.30 -18.60
O4 SO4 V . -8.49 3.38 -17.73
S SO4 W . 23.47 27.78 1.46
O1 SO4 W . 23.31 26.63 0.58
O2 SO4 W . 22.61 28.86 1.01
O3 SO4 W . 23.11 27.42 2.83
O4 SO4 W . 24.86 28.24 1.43
S H2S X . -4.02 28.93 -5.45
S3 S3H Y . -2.00 15.82 -0.95
S2 S3H Y . -3.55 16.38 0.32
S1 S3H Y . -4.98 17.78 -0.28
S H2S Z . -3.21 14.96 -0.92
S H2S AA . -5.12 17.77 -0.39
S H2S BA . -2.90 16.41 2.29
S H2S CA . 0.96 16.77 -1.51
#